data_8YNZ
#
_entry.id   8YNZ
#
_cell.length_a   1.00
_cell.length_b   1.00
_cell.length_c   1.00
_cell.angle_alpha   90.00
_cell.angle_beta   90.00
_cell.angle_gamma   90.00
#
_symmetry.space_group_name_H-M   'P 1'
#
loop_
_entity.id
_entity.type
_entity.pdbx_description
1 polymer 'Uncharacterized MFS-type transporter EfpA'
2 non-polymer (1S,3S)-N-[6-bromo-5-(pyrimidin-2-yl)pyridin-2-yl]-2,2-dimethyl-3-(2-methylprop-1-en-1-yl)cyclopropane-1-carboxamide
#
_entity_poly.entity_id   1
_entity_poly.type   'polypeptide(L)'
_entity_poly.pdbx_seq_one_letter_code
;MTALNDTERAVRNWTAGRPHRPAPMRPPRSEETASERPSRYYPTWLPSRSFIAAVIAIGGMQLLATMDSTVAIVALPKIQ
NELSLSDAGRSWVITAYVLTFGGLMLLGGRLGDTIGRKRTFIVGVALFTISSVLCAVAWDEATLVIARLSQGVGSAIASP
TGLALVATTFPKGPARNAATAVFAAMTAIGSVMGLVVGGALTEVSWRWAFLVNVPIGLVMIYLARTALRETNKERMKLDA
TGAILATLACTAAVFAFSIGPEKGWMSGITIGSGLVALAAAVAFVIVERTAENPVVPFHLFRDRNRLVTFSAILLAGGVM
FSLTVCIGLYVQDILGYSALRAGVGFIPFVIAMGIGLGVSSQLVSRFSPRVLTIGGGYLLFGAMLYGSFFMHRGVPYFPN
LVMPIVVGGIGIGMAVVPLTLSAIAGVGFDQIGPVSAIALMLQSLGGPLVLAVIQAVITSRTLYLGGTTGPVKFMNDVQL
AALDHAYTYGLLWVAGAAIIVGGMALFIGYTPQQVAHAQEVKEAIDAGELAAAENLYFQGLWSHPQFEKGGGSGGGSGGS
AWSHPQFEK
;
_entity_poly.pdbx_strand_id   A,B
#
loop_
_chem_comp.id
_chem_comp.type
_chem_comp.name
_chem_comp.formula
A1AQR non-polymer (1S,3S)-N-[6-bromo-5-(pyrimidin-2-yl)pyridin-2-yl]-2,2-dimethyl-3-(2-methylprop-1-en-1-yl)cyclopropane-1-carboxamide 'C19 H21 Br N4 O'
#
# COMPACT_ATOMS: atom_id res chain seq x y z
N SER A 48 29.97 -29.36 -3.95
CA SER A 48 31.41 -29.28 -4.23
C SER A 48 31.74 -28.03 -5.03
N ARG A 49 32.92 -28.04 -5.66
CA ARG A 49 33.35 -26.89 -6.45
C ARG A 49 32.61 -26.77 -7.77
N SER A 50 32.08 -27.88 -8.29
CA SER A 50 31.38 -27.84 -9.57
C SER A 50 30.14 -26.96 -9.49
N PHE A 51 29.39 -27.05 -8.39
CA PHE A 51 28.19 -26.24 -8.23
C PHE A 51 28.54 -24.75 -8.24
N ILE A 52 29.57 -24.37 -7.49
CA ILE A 52 30.00 -22.97 -7.44
C ILE A 52 30.46 -22.51 -8.81
N ALA A 53 31.25 -23.33 -9.50
CA ALA A 53 31.73 -22.96 -10.82
C ALA A 53 30.57 -22.76 -11.79
N ALA A 54 29.59 -23.66 -11.77
CA ALA A 54 28.46 -23.54 -12.67
C ALA A 54 27.67 -22.27 -12.40
N VAL A 55 27.37 -21.99 -11.12
CA VAL A 55 26.53 -20.83 -10.83
C VAL A 55 27.26 -19.54 -11.16
N ILE A 56 28.56 -19.45 -10.85
CA ILE A 56 29.27 -18.20 -11.14
C ILE A 56 29.43 -18.03 -12.65
N ALA A 57 29.69 -19.10 -13.38
CA ALA A 57 29.80 -19.01 -14.83
C ALA A 57 28.48 -18.56 -15.45
N ILE A 58 27.36 -19.05 -14.91
CA ILE A 58 26.06 -18.67 -15.45
C ILE A 58 25.79 -17.19 -15.21
N GLY A 59 25.98 -16.73 -13.96
CA GLY A 59 25.65 -15.35 -13.65
C GLY A 59 26.65 -14.30 -14.11
N GLY A 60 27.85 -14.73 -14.50
CA GLY A 60 28.87 -13.76 -14.86
C GLY A 60 28.51 -12.91 -16.06
N MET A 61 27.64 -13.41 -16.94
CA MET A 61 27.25 -12.60 -18.10
C MET A 61 26.42 -11.40 -17.66
N GLN A 62 25.46 -11.62 -16.76
CA GLN A 62 24.73 -10.49 -16.18
C GLN A 62 25.68 -9.56 -15.44
N LEU A 63 26.63 -10.14 -14.69
CA LEU A 63 27.61 -9.32 -13.99
C LEU A 63 28.38 -8.43 -14.96
N LEU A 64 28.87 -9.01 -16.05
CA LEU A 64 29.68 -8.27 -17.01
C LEU A 64 28.87 -7.18 -17.69
N ALA A 65 27.64 -7.52 -18.11
CA ALA A 65 26.81 -6.54 -18.79
C ALA A 65 26.53 -5.36 -17.89
N THR A 66 26.15 -5.62 -16.64
CA THR A 66 25.81 -4.53 -15.74
C THR A 66 27.04 -3.68 -15.42
N MET A 67 28.19 -4.32 -15.19
CA MET A 67 29.41 -3.56 -14.89
C MET A 67 29.81 -2.68 -16.06
N ASP A 68 29.76 -3.23 -17.29
CA ASP A 68 30.13 -2.44 -18.45
C ASP A 68 29.17 -1.28 -18.65
N SER A 69 27.87 -1.51 -18.45
CA SER A 69 26.91 -0.41 -18.58
C SER A 69 27.21 0.68 -17.56
N THR A 70 27.48 0.30 -16.31
CA THR A 70 27.75 1.30 -15.29
C THR A 70 29.01 2.10 -15.61
N VAL A 71 30.09 1.41 -16.01
CA VAL A 71 31.33 2.10 -16.29
C VAL A 71 31.24 2.94 -17.56
N ALA A 72 30.33 2.59 -18.48
CA ALA A 72 30.11 3.44 -19.64
C ALA A 72 29.32 4.69 -19.26
N ILE A 73 28.34 4.55 -18.37
CA ILE A 73 27.59 5.72 -17.92
C ILE A 73 28.50 6.67 -17.16
N VAL A 74 29.40 6.13 -16.33
CA VAL A 74 30.23 6.98 -15.48
C VAL A 74 31.16 7.84 -16.31
N ALA A 75 31.78 7.27 -17.34
CA ALA A 75 32.90 7.90 -18.04
C ALA A 75 32.48 8.60 -19.33
N LEU A 76 31.30 9.22 -19.37
CA LEU A 76 30.87 9.91 -20.57
C LEU A 76 31.53 11.29 -20.74
N PRO A 77 31.55 12.15 -19.70
CA PRO A 77 32.16 13.48 -19.91
C PRO A 77 33.64 13.42 -20.30
N LYS A 78 34.39 12.45 -19.76
CA LYS A 78 35.79 12.32 -20.15
C LYS A 78 35.92 11.99 -21.63
N ILE A 79 35.09 11.08 -22.13
CA ILE A 79 35.12 10.74 -23.54
C ILE A 79 34.73 11.96 -24.37
N GLN A 80 33.72 12.70 -23.93
CA GLN A 80 33.31 13.90 -24.66
C GLN A 80 34.44 14.90 -24.75
N ASN A 81 35.16 15.11 -23.65
CA ASN A 81 36.30 16.03 -23.66
C ASN A 81 37.42 15.52 -24.56
N GLU A 82 37.71 14.22 -24.51
CA GLU A 82 38.85 13.68 -25.24
C GLU A 82 38.61 13.68 -26.74
N LEU A 83 37.45 13.18 -27.17
CA LEU A 83 37.17 13.03 -28.59
C LEU A 83 36.46 14.24 -29.19
N SER A 84 36.15 15.25 -28.39
CA SER A 84 35.44 16.45 -28.85
C SER A 84 34.12 16.08 -29.50
N LEU A 85 33.46 15.05 -28.98
CA LEU A 85 32.17 14.63 -29.50
C LEU A 85 31.07 15.58 -29.04
N SER A 86 30.06 15.75 -29.88
CA SER A 86 28.90 16.57 -29.56
C SER A 86 27.94 15.75 -28.69
N ASP A 87 26.78 16.32 -28.39
CA ASP A 87 25.78 15.59 -27.64
C ASP A 87 25.25 14.40 -28.45
N ALA A 88 25.16 14.55 -29.76
CA ALA A 88 24.71 13.46 -30.61
C ALA A 88 25.68 12.29 -30.54
N GLY A 89 26.98 12.57 -30.47
CA GLY A 89 27.96 11.50 -30.35
C GLY A 89 27.78 10.71 -29.06
N ARG A 90 27.59 11.42 -27.93
CA ARG A 90 27.37 10.74 -26.66
C ARG A 90 26.08 9.93 -26.69
N SER A 91 25.02 10.49 -27.29
CA SER A 91 23.76 9.75 -27.39
C SER A 91 23.94 8.49 -28.22
N TRP A 92 24.66 8.58 -29.34
CA TRP A 92 24.90 7.39 -30.15
C TRP A 92 25.73 6.37 -29.40
N VAL A 93 26.72 6.83 -28.62
CA VAL A 93 27.56 5.92 -27.86
C VAL A 93 26.73 5.16 -26.83
N ILE A 94 25.86 5.87 -26.11
CA ILE A 94 25.08 5.21 -25.08
C ILE A 94 24.01 4.31 -25.71
N THR A 95 23.50 4.68 -26.88
CA THR A 95 22.35 3.97 -27.44
C THR A 95 22.72 2.84 -28.40
N ALA A 96 23.97 2.77 -28.88
CA ALA A 96 24.35 1.67 -29.75
C ALA A 96 24.27 0.34 -29.03
N TYR A 97 24.76 0.29 -27.78
CA TYR A 97 24.70 -0.92 -26.99
C TYR A 97 23.26 -1.34 -26.74
N VAL A 98 22.38 -0.38 -26.43
CA VAL A 98 20.97 -0.68 -26.23
C VAL A 98 20.34 -1.22 -27.50
N LEU A 99 20.66 -0.61 -28.65
CA LEU A 99 20.10 -1.04 -29.92
C LEU A 99 20.48 -2.48 -30.22
N THR A 100 21.76 -2.81 -30.10
CA THR A 100 22.19 -4.17 -30.37
C THR A 100 21.75 -5.16 -29.29
N PHE A 101 21.53 -4.69 -28.06
CA PHE A 101 21.08 -5.57 -26.99
C PHE A 101 19.61 -5.92 -27.11
N GLY A 102 18.80 -5.00 -27.63
CA GLY A 102 17.39 -5.23 -27.77
C GLY A 102 16.99 -5.86 -29.10
N GLY A 103 17.69 -5.48 -30.17
CA GLY A 103 17.32 -5.98 -31.48
C GLY A 103 17.53 -7.46 -31.65
N LEU A 104 18.64 -7.98 -31.15
CA LEU A 104 19.04 -9.36 -31.39
C LEU A 104 18.87 -10.25 -30.17
N MET A 105 18.01 -9.86 -29.22
CA MET A 105 17.85 -10.67 -28.02
C MET A 105 17.15 -11.98 -28.31
N LEU A 106 16.04 -11.94 -29.05
CA LEU A 106 15.26 -13.14 -29.33
C LEU A 106 16.06 -14.13 -30.17
N LEU A 107 16.79 -13.62 -31.16
CA LEU A 107 17.64 -14.50 -31.97
C LEU A 107 18.71 -15.16 -31.13
N GLY A 108 19.31 -14.41 -30.21
CA GLY A 108 20.29 -15.00 -29.30
C GLY A 108 19.68 -16.06 -28.42
N GLY A 109 18.44 -15.84 -27.97
CA GLY A 109 17.79 -16.83 -27.13
C GLY A 109 17.35 -18.07 -27.90
N ARG A 110 17.11 -17.93 -29.20
CA ARG A 110 16.64 -19.05 -30.01
C ARG A 110 17.78 -19.87 -30.61
N LEU A 111 18.90 -19.25 -30.96
CA LEU A 111 20.00 -19.99 -31.57
C LEU A 111 20.61 -21.01 -30.63
N GLY A 112 20.36 -20.91 -29.33
CA GLY A 112 20.91 -21.87 -28.40
C GLY A 112 20.43 -23.29 -28.63
N ASP A 113 19.17 -23.44 -29.04
CA ASP A 113 18.64 -24.78 -29.31
C ASP A 113 19.26 -25.39 -30.55
N THR A 114 19.39 -24.60 -31.62
CA THR A 114 19.89 -25.14 -32.88
C THR A 114 21.40 -25.34 -32.89
N ILE A 115 22.15 -24.49 -32.20
CA ILE A 115 23.60 -24.58 -32.20
C ILE A 115 24.13 -25.29 -30.96
N GLY A 116 23.56 -25.00 -29.80
CA GLY A 116 24.03 -25.56 -28.56
C GLY A 116 24.16 -24.49 -27.50
N ARG A 117 23.66 -24.77 -26.29
CA ARG A 117 23.64 -23.74 -25.25
C ARG A 117 25.05 -23.44 -24.76
N LYS A 118 25.84 -24.47 -24.45
CA LYS A 118 27.20 -24.25 -23.98
C LYS A 118 28.05 -23.55 -25.03
N ARG A 119 27.95 -24.00 -26.28
CA ARG A 119 28.73 -23.39 -27.35
C ARG A 119 28.32 -21.95 -27.58
N THR A 120 27.02 -21.67 -27.55
CA THR A 120 26.55 -20.30 -27.73
C THR A 120 27.03 -19.39 -26.61
N PHE A 121 27.01 -19.89 -25.37
CA PHE A 121 27.48 -19.09 -24.25
C PHE A 121 28.98 -18.82 -24.36
N ILE A 122 29.74 -19.84 -24.77
CA ILE A 122 31.18 -19.67 -24.99
C ILE A 122 31.43 -18.59 -26.04
N VAL A 123 30.72 -18.67 -27.16
CA VAL A 123 30.92 -17.71 -28.25
C VAL A 123 30.53 -16.30 -27.80
N GLY A 124 29.43 -16.17 -27.07
CA GLY A 124 29.02 -14.86 -26.59
C GLY A 124 30.03 -14.25 -25.65
N VAL A 125 30.57 -15.05 -24.73
CA VAL A 125 31.58 -14.53 -23.81
C VAL A 125 32.83 -14.11 -24.56
N ALA A 126 33.26 -14.93 -25.53
CA ALA A 126 34.45 -14.57 -26.31
C ALA A 126 34.24 -13.29 -27.09
N LEU A 127 33.07 -13.14 -27.71
CA LEU A 127 32.77 -11.93 -28.47
C LEU A 127 32.73 -10.70 -27.56
N PHE A 128 32.15 -10.85 -26.37
CA PHE A 128 32.11 -9.74 -25.42
C PHE A 128 33.52 -9.33 -25.00
N THR A 129 34.40 -10.32 -24.74
CA THR A 129 35.76 -10.00 -24.35
C THR A 129 36.51 -9.30 -25.48
N ILE A 130 36.36 -9.79 -26.71
CA ILE A 130 37.05 -9.17 -27.85
C ILE A 130 36.55 -7.75 -28.06
N SER A 131 35.24 -7.54 -27.96
CA SER A 131 34.69 -6.20 -28.12
C SER A 131 35.15 -5.27 -27.00
N SER A 132 35.26 -5.79 -25.78
CA SER A 132 35.78 -4.97 -24.68
C SER A 132 37.22 -4.56 -24.93
N VAL A 133 38.03 -5.48 -25.47
CA VAL A 133 39.40 -5.12 -25.84
C VAL A 133 39.41 -4.04 -26.90
N LEU A 134 38.53 -4.17 -27.91
CA LEU A 134 38.51 -3.21 -29.00
C LEU A 134 37.99 -1.85 -28.56
N CYS A 135 37.11 -1.81 -27.54
CA CYS A 135 36.53 -0.55 -27.10
C CYS A 135 37.59 0.40 -26.56
N ALA A 136 38.56 -0.13 -25.81
CA ALA A 136 39.55 0.72 -25.17
C ALA A 136 40.44 1.42 -26.20
N VAL A 137 41.00 0.66 -27.14
CA VAL A 137 41.93 1.20 -28.13
C VAL A 137 41.09 1.72 -29.29
N ALA A 138 40.69 2.99 -29.20
CA ALA A 138 39.90 3.64 -30.24
C ALA A 138 40.52 4.99 -30.58
N TRP A 139 40.35 5.39 -31.83
CA TRP A 139 40.91 6.66 -32.31
C TRP A 139 39.86 7.61 -32.86
N ASP A 140 38.79 7.12 -33.48
CA ASP A 140 37.73 7.97 -33.99
C ASP A 140 36.39 7.48 -33.46
N GLU A 141 35.35 8.28 -33.70
CA GLU A 141 34.02 7.97 -33.18
C GLU A 141 33.49 6.67 -33.78
N ALA A 142 33.78 6.42 -35.05
CA ALA A 142 33.27 5.22 -35.71
C ALA A 142 33.78 3.96 -35.03
N THR A 143 35.06 3.95 -34.62
CA THR A 143 35.61 2.77 -33.97
C THR A 143 34.91 2.48 -32.66
N LEU A 144 34.68 3.52 -31.85
CA LEU A 144 33.97 3.32 -30.59
C LEU A 144 32.54 2.85 -30.83
N VAL A 145 31.87 3.42 -31.83
CA VAL A 145 30.50 3.04 -32.12
C VAL A 145 30.42 1.57 -32.52
N ILE A 146 31.31 1.15 -33.43
CA ILE A 146 31.25 -0.23 -33.92
C ILE A 146 31.65 -1.20 -32.82
N ALA A 147 32.62 -0.82 -31.98
CA ALA A 147 33.00 -1.70 -30.87
C ALA A 147 31.83 -1.88 -29.90
N ARG A 148 31.13 -0.80 -29.58
CA ARG A 148 29.97 -0.91 -28.70
C ARG A 148 28.86 -1.73 -29.34
N LEU A 149 28.66 -1.57 -30.65
CA LEU A 149 27.65 -2.38 -31.34
C LEU A 149 27.97 -3.86 -31.25
N SER A 150 29.24 -4.22 -31.50
CA SER A 150 29.63 -5.62 -31.42
C SER A 150 29.48 -6.16 -30.01
N GLN A 151 29.85 -5.36 -29.00
CA GLN A 151 29.70 -5.78 -27.62
C GLN A 151 28.25 -6.03 -27.27
N GLY A 152 27.36 -5.13 -27.71
CA GLY A 152 25.95 -5.32 -27.44
C GLY A 152 25.37 -6.52 -28.15
N VAL A 153 25.83 -6.79 -29.38
CA VAL A 153 25.39 -7.99 -30.09
C VAL A 153 25.81 -9.23 -29.31
N GLY A 154 27.06 -9.27 -28.86
CA GLY A 154 27.52 -10.41 -28.08
C GLY A 154 26.73 -10.58 -26.80
N SER A 155 26.46 -9.49 -26.11
CA SER A 155 25.68 -9.56 -24.87
C SER A 155 24.28 -10.07 -25.13
N ALA A 156 23.64 -9.60 -26.20
CA ALA A 156 22.31 -10.07 -26.54
C ALA A 156 22.32 -11.56 -26.87
N ILE A 157 23.37 -12.03 -27.53
CA ILE A 157 23.45 -13.45 -27.86
C ILE A 157 23.65 -14.28 -26.61
N ALA A 158 24.46 -13.80 -25.67
CA ALA A 158 24.89 -14.65 -24.55
C ALA A 158 24.00 -14.57 -23.33
N SER A 159 23.41 -13.41 -23.01
CA SER A 159 22.73 -13.24 -21.74
C SER A 159 21.51 -14.14 -21.56
N PRO A 160 20.57 -14.24 -22.51
CA PRO A 160 19.40 -15.09 -22.26
C PRO A 160 19.72 -16.57 -22.06
N THR A 161 20.88 -17.03 -22.52
CA THR A 161 21.22 -18.44 -22.36
C THR A 161 21.55 -18.79 -20.93
N GLY A 162 21.85 -17.80 -20.08
CA GLY A 162 22.16 -18.09 -18.69
C GLY A 162 20.99 -18.68 -17.93
N LEU A 163 19.81 -18.08 -18.07
CA LEU A 163 18.62 -18.62 -17.41
C LEU A 163 18.24 -19.97 -17.99
N ALA A 164 18.42 -20.15 -19.29
CA ALA A 164 18.15 -21.46 -19.90
C ALA A 164 19.08 -22.51 -19.32
N LEU A 165 20.35 -22.17 -19.11
CA LEU A 165 21.28 -23.11 -18.49
C LEU A 165 20.91 -23.40 -17.05
N VAL A 166 20.44 -22.39 -16.32
CA VAL A 166 19.96 -22.61 -14.96
C VAL A 166 18.80 -23.61 -14.97
N ALA A 167 17.86 -23.43 -15.90
CA ALA A 167 16.69 -24.31 -15.95
C ALA A 167 17.06 -25.71 -16.37
N THR A 168 17.90 -25.85 -17.39
CA THR A 168 18.15 -27.14 -18.02
C THR A 168 19.39 -27.86 -17.48
N THR A 169 20.10 -27.27 -16.53
CA THR A 169 21.30 -27.87 -15.98
C THR A 169 21.13 -28.37 -14.55
N PHE A 170 20.44 -27.59 -13.71
CA PHE A 170 20.20 -27.99 -12.34
C PHE A 170 18.77 -28.49 -12.19
N PRO A 171 18.56 -29.74 -11.78
CA PRO A 171 17.19 -30.25 -11.63
C PRO A 171 16.44 -29.50 -10.55
N LYS A 172 15.11 -29.57 -10.63
CA LYS A 172 14.27 -28.82 -9.71
C LYS A 172 14.48 -29.26 -8.28
N GLY A 173 14.56 -28.30 -7.37
CA GLY A 173 14.86 -28.56 -5.99
C GLY A 173 15.75 -27.48 -5.40
N PRO A 174 16.48 -27.83 -4.34
CA PRO A 174 17.37 -26.82 -3.71
C PRO A 174 18.43 -26.27 -4.65
N ALA A 175 18.95 -27.10 -5.57
CA ALA A 175 20.01 -26.64 -6.47
C ALA A 175 19.52 -25.50 -7.36
N ARG A 176 18.31 -25.63 -7.91
CA ARG A 176 17.77 -24.56 -8.75
C ARG A 176 17.54 -23.30 -7.94
N ASN A 177 17.08 -23.44 -6.70
CA ASN A 177 16.88 -22.27 -5.84
C ASN A 177 18.20 -21.54 -5.61
N ALA A 178 19.25 -22.28 -5.28
CA ALA A 178 20.54 -21.65 -5.05
C ALA A 178 21.07 -21.00 -6.32
N ALA A 179 20.90 -21.67 -7.46
CA ALA A 179 21.37 -21.12 -8.72
C ALA A 179 20.68 -19.81 -9.03
N THR A 180 19.36 -19.77 -8.85
CA THR A 180 18.62 -18.53 -9.09
C THR A 180 19.06 -17.43 -8.14
N ALA A 181 19.25 -17.77 -6.85
CA ALA A 181 19.66 -16.76 -5.88
C ALA A 181 21.00 -16.14 -6.26
N VAL A 182 21.98 -16.97 -6.61
CA VAL A 182 23.31 -16.46 -6.95
C VAL A 182 23.26 -15.69 -8.27
N PHE A 183 22.47 -16.17 -9.23
CA PHE A 183 22.31 -15.50 -10.51
C PHE A 183 21.76 -14.09 -10.33
N ALA A 184 20.78 -13.93 -9.44
CA ALA A 184 20.23 -12.61 -9.18
C ALA A 184 21.19 -11.76 -8.33
N ALA A 185 21.96 -12.39 -7.45
CA ALA A 185 22.85 -11.63 -6.57
C ALA A 185 23.99 -10.99 -7.33
N MET A 186 24.65 -11.75 -8.21
CA MET A 186 25.84 -11.15 -8.79
C MET A 186 25.50 -10.06 -9.81
N THR A 187 24.24 -9.88 -10.18
CA THR A 187 23.87 -8.71 -10.97
C THR A 187 24.14 -7.42 -10.19
N ALA A 188 23.60 -7.34 -8.97
CA ALA A 188 23.84 -6.17 -8.14
C ALA A 188 25.29 -6.11 -7.68
N ILE A 189 25.91 -7.27 -7.45
CA ILE A 189 27.33 -7.29 -7.09
C ILE A 189 28.16 -6.64 -8.19
N GLY A 190 27.90 -7.03 -9.44
CA GLY A 190 28.59 -6.44 -10.56
C GLY A 190 28.30 -4.96 -10.72
N SER A 191 27.04 -4.56 -10.50
CA SER A 191 26.70 -3.15 -10.56
C SER A 191 27.55 -2.32 -9.60
N VAL A 192 27.61 -2.75 -8.34
CA VAL A 192 28.33 -1.97 -7.34
C VAL A 192 29.84 -2.01 -7.59
N MET A 193 30.38 -3.17 -7.95
CA MET A 193 31.83 -3.24 -8.15
C MET A 193 32.23 -2.46 -9.40
N GLY A 194 31.40 -2.46 -10.43
CA GLY A 194 31.68 -1.65 -11.60
C GLY A 194 31.58 -0.17 -11.30
N LEU A 195 30.62 0.23 -10.46
CA LEU A 195 30.56 1.62 -10.03
C LEU A 195 31.83 2.03 -9.29
N VAL A 196 32.32 1.17 -8.39
CA VAL A 196 33.54 1.46 -7.66
C VAL A 196 34.73 1.57 -8.61
N VAL A 197 34.84 0.63 -9.55
CA VAL A 197 35.96 0.64 -10.48
C VAL A 197 35.93 1.89 -11.34
N GLY A 198 34.75 2.24 -11.87
CA GLY A 198 34.65 3.42 -12.70
C GLY A 198 34.94 4.70 -11.95
N GLY A 199 34.47 4.80 -10.71
CA GLY A 199 34.76 5.98 -9.91
C GLY A 199 36.23 6.12 -9.59
N ALA A 200 36.86 5.02 -9.18
CA ALA A 200 38.25 5.08 -8.72
C ALA A 200 39.27 5.03 -9.85
N LEU A 201 38.86 4.67 -11.07
CA LEU A 201 39.80 4.50 -12.16
C LEU A 201 39.77 5.60 -13.20
N THR A 202 38.69 6.38 -13.28
CA THR A 202 38.58 7.46 -14.24
C THR A 202 39.31 8.72 -13.80
N GLU A 203 40.17 8.63 -12.79
CA GLU A 203 40.97 9.76 -12.35
C GLU A 203 42.33 9.82 -13.02
N VAL A 204 42.68 8.83 -13.86
CA VAL A 204 43.95 8.78 -14.55
C VAL A 204 43.77 8.69 -16.06
N SER A 205 42.90 7.79 -16.51
CA SER A 205 42.68 7.58 -17.95
C SER A 205 41.40 6.80 -18.14
N TRP A 206 40.56 7.25 -19.07
CA TRP A 206 39.28 6.59 -19.32
C TRP A 206 39.43 5.29 -20.09
N ARG A 207 40.53 5.13 -20.84
CA ARG A 207 40.70 3.92 -21.63
C ARG A 207 40.88 2.69 -20.75
N TRP A 208 41.54 2.85 -19.60
CA TRP A 208 41.75 1.73 -18.70
C TRP A 208 40.45 1.22 -18.08
N ALA A 209 39.39 2.04 -18.10
CA ALA A 209 38.11 1.60 -17.55
C ALA A 209 37.53 0.45 -18.38
N PHE A 210 37.68 0.50 -19.69
CA PHE A 210 37.14 -0.54 -20.56
C PHE A 210 38.03 -1.77 -20.62
N LEU A 211 39.22 -1.74 -20.03
CA LEU A 211 40.12 -2.88 -20.02
C LEU A 211 39.96 -3.75 -18.78
N VAL A 212 39.01 -3.42 -17.91
CA VAL A 212 38.78 -4.24 -16.72
C VAL A 212 37.99 -5.49 -17.02
N ASN A 213 37.31 -5.55 -18.16
CA ASN A 213 36.47 -6.70 -18.49
C ASN A 213 37.26 -7.90 -18.98
N VAL A 214 38.52 -7.70 -19.39
CA VAL A 214 39.33 -8.78 -19.97
C VAL A 214 39.60 -9.90 -18.97
N PRO A 215 40.08 -9.64 -17.75
CA PRO A 215 40.31 -10.75 -16.82
C PRO A 215 39.03 -11.48 -16.44
N ILE A 216 37.93 -10.74 -16.30
CA ILE A 216 36.65 -11.37 -16.00
C ILE A 216 36.21 -12.27 -17.15
N GLY A 217 36.35 -11.78 -18.38
CA GLY A 217 36.00 -12.62 -19.52
C GLY A 217 36.87 -13.86 -19.61
N LEU A 218 38.16 -13.74 -19.28
CA LEU A 218 39.04 -14.89 -19.31
C LEU A 218 38.64 -15.93 -18.27
N VAL A 219 38.33 -15.48 -17.05
CA VAL A 219 37.93 -16.45 -16.03
C VAL A 219 36.59 -17.08 -16.40
N MET A 220 35.67 -16.32 -16.99
CA MET A 220 34.45 -16.91 -17.52
C MET A 220 34.73 -17.99 -18.55
N ILE A 221 35.57 -17.68 -19.54
CA ILE A 221 35.76 -18.65 -20.62
C ILE A 221 36.38 -19.92 -20.06
N TYR A 222 37.35 -19.79 -19.15
CA TYR A 222 37.98 -20.96 -18.56
C TYR A 222 36.98 -21.78 -17.76
N LEU A 223 36.24 -21.14 -16.86
CA LEU A 223 35.34 -21.88 -15.97
C LEU A 223 34.18 -22.49 -16.74
N ALA A 224 33.64 -21.77 -17.73
CA ALA A 224 32.53 -22.29 -18.52
C ALA A 224 32.98 -23.45 -19.39
N ARG A 225 34.20 -23.38 -19.95
CA ARG A 225 34.71 -24.52 -20.69
C ARG A 225 34.89 -25.73 -19.79
N THR A 226 35.37 -25.50 -18.57
CA THR A 226 35.65 -26.63 -17.68
C THR A 226 34.39 -27.27 -17.10
N ALA A 227 33.40 -26.47 -16.70
CA ALA A 227 32.30 -26.96 -15.87
C ALA A 227 31.09 -27.42 -16.67
N LEU A 228 30.49 -26.52 -17.46
CA LEU A 228 29.26 -26.84 -18.16
C LEU A 228 29.50 -27.94 -19.19
N ARG A 229 28.48 -28.76 -19.41
CA ARG A 229 28.58 -29.94 -20.25
C ARG A 229 27.56 -29.89 -21.37
N GLU A 230 27.82 -30.67 -22.42
CA GLU A 230 26.96 -30.66 -23.61
C GLU A 230 25.58 -31.20 -23.29
N THR A 231 24.57 -30.58 -23.89
CA THR A 231 23.20 -31.04 -23.71
C THR A 231 22.96 -32.38 -24.39
N ASN A 232 23.64 -32.64 -25.51
CA ASN A 232 23.55 -33.86 -26.31
C ASN A 232 22.20 -34.03 -26.98
N LYS A 233 21.33 -33.02 -26.92
CA LYS A 233 20.03 -33.10 -27.55
C LYS A 233 20.16 -33.05 -29.07
N GLU A 234 19.16 -33.61 -29.75
CA GLU A 234 19.14 -33.56 -31.21
C GLU A 234 18.95 -32.13 -31.68
N ARG A 235 19.75 -31.72 -32.66
CA ARG A 235 19.71 -30.35 -33.14
C ARG A 235 18.38 -30.07 -33.82
N MET A 236 17.85 -28.87 -33.59
CA MET A 236 16.57 -28.47 -34.12
C MET A 236 16.76 -27.67 -35.41
N LYS A 237 15.65 -27.13 -35.94
CA LYS A 237 15.68 -26.32 -37.15
C LYS A 237 15.18 -24.93 -36.82
N LEU A 238 15.75 -23.93 -37.50
CA LEU A 238 15.50 -22.53 -37.20
C LEU A 238 14.60 -21.91 -38.26
N ASP A 239 13.59 -21.17 -37.81
CA ASP A 239 12.71 -20.41 -38.69
C ASP A 239 13.39 -19.07 -38.97
N ALA A 240 14.10 -19.00 -40.09
CA ALA A 240 14.90 -17.82 -40.39
C ALA A 240 14.02 -16.60 -40.61
N THR A 241 12.90 -16.76 -41.32
CA THR A 241 12.06 -15.61 -41.66
C THR A 241 11.49 -14.95 -40.41
N GLY A 242 10.92 -15.75 -39.50
CA GLY A 242 10.35 -15.19 -38.30
C GLY A 242 11.39 -14.54 -37.41
N ALA A 243 12.56 -15.17 -37.28
CA ALA A 243 13.63 -14.59 -36.50
C ALA A 243 14.09 -13.25 -37.07
N ILE A 244 14.23 -13.19 -38.41
CA ILE A 244 14.65 -11.95 -39.05
C ILE A 244 13.60 -10.86 -38.83
N LEU A 245 12.32 -11.21 -38.99
CA LEU A 245 11.26 -10.23 -38.80
C LEU A 245 11.24 -9.71 -37.37
N ALA A 246 11.38 -10.61 -36.39
CA ALA A 246 11.37 -10.18 -34.99
C ALA A 246 12.57 -9.30 -34.68
N THR A 247 13.75 -9.69 -35.19
CA THR A 247 14.96 -8.91 -34.94
C THR A 247 14.83 -7.50 -35.52
N LEU A 248 14.33 -7.40 -36.76
CA LEU A 248 14.21 -6.08 -37.37
C LEU A 248 13.12 -5.26 -36.71
N ALA A 249 12.04 -5.90 -36.25
CA ALA A 249 11.00 -5.17 -35.52
C ALA A 249 11.55 -4.59 -34.22
N CYS A 250 12.29 -5.40 -33.46
CA CYS A 250 12.87 -4.92 -32.22
C CYS A 250 13.89 -3.81 -32.48
N THR A 251 14.71 -3.96 -33.51
CA THR A 251 15.69 -2.94 -33.85
C THR A 251 15.00 -1.63 -34.22
N ALA A 252 13.94 -1.71 -35.03
CA ALA A 252 13.22 -0.50 -35.42
C ALA A 252 12.59 0.17 -34.21
N ALA A 253 12.00 -0.61 -33.30
CA ALA A 253 11.38 -0.03 -32.12
C ALA A 253 12.43 0.68 -31.25
N VAL A 254 13.57 0.04 -31.03
CA VAL A 254 14.61 0.64 -30.20
C VAL A 254 15.17 1.89 -30.87
N PHE A 255 15.37 1.85 -32.19
CA PHE A 255 15.88 3.02 -32.90
C PHE A 255 14.90 4.18 -32.83
N ALA A 256 13.60 3.90 -32.96
CA ALA A 256 12.59 4.95 -32.85
C ALA A 256 12.60 5.55 -31.46
N PHE A 257 12.66 4.71 -30.42
CA PHE A 257 12.67 5.23 -29.05
C PHE A 257 13.92 6.05 -28.79
N SER A 258 15.06 5.65 -29.35
CA SER A 258 16.29 6.41 -29.17
C SER A 258 16.22 7.75 -29.90
N ILE A 259 15.69 7.76 -31.12
CA ILE A 259 15.69 8.98 -31.94
C ILE A 259 14.55 9.93 -31.59
N GLY A 260 13.57 9.47 -30.82
CA GLY A 260 12.48 10.32 -30.41
C GLY A 260 12.90 11.60 -29.72
N PRO A 261 13.47 11.48 -28.51
CA PRO A 261 13.88 12.69 -27.78
C PRO A 261 14.92 13.52 -28.51
N GLU A 262 15.83 12.90 -29.25
CA GLU A 262 16.88 13.66 -29.93
C GLU A 262 16.30 14.55 -31.02
N LYS A 263 15.40 14.01 -31.83
CA LYS A 263 14.80 14.77 -32.93
C LYS A 263 13.48 15.41 -32.51
N GLY A 264 12.52 14.60 -32.10
CA GLY A 264 11.22 15.10 -31.71
C GLY A 264 10.15 14.06 -31.94
N TRP A 265 8.93 14.39 -31.49
CA TRP A 265 7.78 13.53 -31.66
C TRP A 265 7.00 13.81 -32.93
N MET A 266 7.44 14.79 -33.72
CA MET A 266 6.77 15.15 -34.96
C MET A 266 7.62 14.89 -36.20
N SER A 267 8.92 14.65 -36.03
CA SER A 267 9.80 14.44 -37.17
C SER A 267 9.38 13.20 -37.97
N GLY A 268 9.54 13.29 -39.29
CA GLY A 268 9.13 12.19 -40.15
C GLY A 268 9.91 10.92 -39.94
N ILE A 269 11.16 11.03 -39.45
CA ILE A 269 11.97 9.85 -39.20
C ILE A 269 11.34 8.98 -38.13
N THR A 270 10.89 9.59 -37.04
CA THR A 270 10.27 8.83 -35.96
C THR A 270 8.98 8.16 -36.42
N ILE A 271 8.15 8.89 -37.18
CA ILE A 271 6.91 8.33 -37.68
C ILE A 271 7.19 7.15 -38.61
N GLY A 272 8.17 7.31 -39.51
CA GLY A 272 8.51 6.22 -40.41
C GLY A 272 9.03 5.00 -39.67
N SER A 273 9.88 5.22 -38.66
CA SER A 273 10.38 4.09 -37.88
C SER A 273 9.25 3.38 -37.14
N GLY A 274 8.33 4.16 -36.57
CA GLY A 274 7.19 3.55 -35.89
C GLY A 274 6.31 2.75 -36.83
N LEU A 275 6.05 3.29 -38.03
CA LEU A 275 5.26 2.56 -39.01
C LEU A 275 5.96 1.29 -39.44
N VAL A 276 7.28 1.35 -39.64
CA VAL A 276 8.05 0.16 -40.02
C VAL A 276 7.97 -0.89 -38.91
N ALA A 277 8.10 -0.45 -37.66
CA ALA A 277 8.01 -1.38 -36.53
C ALA A 277 6.64 -2.02 -36.45
N LEU A 278 5.57 -1.23 -36.65
CA LEU A 278 4.22 -1.79 -36.62
C LEU A 278 4.01 -2.79 -37.73
N ALA A 279 4.48 -2.47 -38.95
CA ALA A 279 4.35 -3.41 -40.06
C ALA A 279 5.13 -4.69 -39.80
N ALA A 280 6.34 -4.56 -39.23
CA ALA A 280 7.14 -5.72 -38.93
C ALA A 280 6.47 -6.59 -37.86
N ALA A 281 5.89 -5.96 -36.84
CA ALA A 281 5.17 -6.73 -35.82
C ALA A 281 3.97 -7.44 -36.43
N VAL A 282 3.25 -6.77 -37.32
CA VAL A 282 2.11 -7.40 -37.98
C VAL A 282 2.57 -8.61 -38.79
N ALA A 283 3.67 -8.44 -39.55
CA ALA A 283 4.19 -9.54 -40.34
C ALA A 283 4.61 -10.70 -39.44
N PHE A 284 5.27 -10.40 -38.32
CA PHE A 284 5.71 -11.44 -37.41
C PHE A 284 4.53 -12.19 -36.81
N VAL A 285 3.50 -11.47 -36.37
CA VAL A 285 2.37 -12.14 -35.73
C VAL A 285 1.59 -12.96 -36.75
N ILE A 286 1.48 -12.48 -38.00
CA ILE A 286 0.75 -13.26 -38.98
C ILE A 286 1.55 -14.49 -39.44
N VAL A 287 2.88 -14.39 -39.47
CA VAL A 287 3.64 -15.56 -39.90
C VAL A 287 3.73 -16.58 -38.77
N GLU A 288 3.66 -16.12 -37.52
CA GLU A 288 3.71 -17.03 -36.39
C GLU A 288 2.44 -17.87 -36.21
N ARG A 289 1.46 -17.74 -37.11
CA ARG A 289 0.25 -18.53 -36.99
C ARG A 289 0.53 -20.02 -37.18
N THR A 290 1.42 -20.36 -38.11
CA THR A 290 1.73 -21.75 -38.43
C THR A 290 3.25 -21.95 -38.52
N ALA A 291 3.96 -21.44 -37.52
CA ALA A 291 5.41 -21.61 -37.47
C ALA A 291 5.76 -22.96 -36.85
N GLU A 292 6.71 -23.65 -37.47
CA GLU A 292 7.14 -24.96 -36.97
C GLU A 292 7.79 -24.83 -35.60
N ASN A 293 8.75 -23.90 -35.47
CA ASN A 293 9.43 -23.62 -34.21
C ASN A 293 9.30 -22.12 -33.96
N PRO A 294 8.14 -21.69 -33.44
CA PRO A 294 7.90 -20.25 -33.31
C PRO A 294 8.92 -19.58 -32.41
N VAL A 295 9.32 -18.37 -32.80
CA VAL A 295 10.26 -17.60 -31.97
C VAL A 295 9.61 -17.19 -30.67
N VAL A 296 8.36 -16.73 -30.73
CA VAL A 296 7.60 -16.39 -29.53
C VAL A 296 6.31 -17.19 -29.56
N PRO A 297 6.27 -18.36 -28.92
CA PRO A 297 5.06 -19.19 -28.94
C PRO A 297 3.91 -18.51 -28.21
N PHE A 298 2.77 -18.41 -28.89
CA PHE A 298 1.58 -17.80 -28.31
C PHE A 298 0.60 -18.82 -27.73
N HIS A 299 0.88 -20.12 -27.90
CA HIS A 299 -0.07 -21.14 -27.47
C HIS A 299 -0.07 -21.32 -25.96
N LEU A 300 1.06 -21.03 -25.30
CA LEU A 300 1.13 -21.17 -23.85
C LEU A 300 0.75 -19.89 -23.12
N PHE A 301 0.39 -18.83 -23.83
CA PHE A 301 -0.07 -17.59 -23.21
C PHE A 301 -1.55 -17.60 -22.88
N ARG A 302 -2.15 -18.79 -22.79
CA ARG A 302 -3.55 -18.93 -22.39
C ARG A 302 -3.71 -19.16 -20.89
N ASP A 303 -2.62 -19.11 -20.14
CA ASP A 303 -2.64 -19.27 -18.69
C ASP A 303 -2.61 -17.90 -18.04
N ARG A 304 -3.61 -17.63 -17.19
CA ARG A 304 -3.68 -16.33 -16.53
C ARG A 304 -2.51 -16.12 -15.59
N ASN A 305 -2.06 -17.18 -14.92
CA ASN A 305 -0.96 -17.06 -13.98
C ASN A 305 0.32 -16.59 -14.69
N ARG A 306 0.61 -17.16 -15.85
CA ARG A 306 1.82 -16.79 -16.57
C ARG A 306 1.76 -15.34 -17.05
N LEU A 307 0.61 -14.90 -17.55
CA LEU A 307 0.48 -13.52 -18.01
C LEU A 307 0.62 -12.55 -16.84
N VAL A 308 0.01 -12.86 -15.70
CA VAL A 308 0.15 -12.02 -14.52
C VAL A 308 1.61 -11.97 -14.07
N THR A 309 2.28 -13.11 -14.10
CA THR A 309 3.69 -13.16 -13.71
C THR A 309 4.55 -12.31 -14.64
N PHE A 310 4.28 -12.37 -15.94
CA PHE A 310 5.08 -11.60 -16.88
C PHE A 310 4.85 -10.09 -16.71
N SER A 311 3.60 -9.69 -16.50
CA SER A 311 3.32 -8.28 -16.24
C SER A 311 4.00 -7.82 -14.95
N ALA A 312 3.98 -8.66 -13.92
CA ALA A 312 4.66 -8.34 -12.67
C ALA A 312 6.16 -8.18 -12.89
N ILE A 313 6.76 -9.07 -13.69
CA ILE A 313 8.18 -8.97 -13.98
C ILE A 313 8.48 -7.65 -14.67
N LEU A 314 7.66 -7.29 -15.67
CA LEU A 314 7.86 -6.05 -16.40
C LEU A 314 7.83 -4.84 -15.45
N LEU A 315 6.77 -4.72 -14.67
CA LEU A 315 6.62 -3.54 -13.82
C LEU A 315 7.68 -3.52 -12.71
N ALA A 316 8.01 -4.67 -12.13
CA ALA A 316 9.02 -4.71 -11.09
C ALA A 316 10.39 -4.32 -11.62
N GLY A 317 10.76 -4.81 -12.80
CA GLY A 317 12.02 -4.38 -13.39
C GLY A 317 12.04 -2.90 -13.67
N GLY A 318 10.94 -2.36 -14.17
CA GLY A 318 10.87 -0.91 -14.37
C GLY A 318 11.08 -0.14 -13.09
N VAL A 319 10.41 -0.58 -12.01
CA VAL A 319 10.52 0.11 -10.74
C VAL A 319 11.96 0.05 -10.22
N MET A 320 12.60 -1.12 -10.32
CA MET A 320 13.96 -1.26 -9.83
C MET A 320 14.91 -0.36 -10.61
N PHE A 321 14.79 -0.34 -11.93
CA PHE A 321 15.67 0.50 -12.74
C PHE A 321 15.47 1.97 -12.42
N SER A 322 14.21 2.40 -12.31
CA SER A 322 13.93 3.80 -12.00
C SER A 322 14.50 4.19 -10.64
N LEU A 323 14.32 3.31 -9.65
CA LEU A 323 14.83 3.60 -8.31
C LEU A 323 16.34 3.72 -8.31
N THR A 324 17.03 2.80 -8.99
CA THR A 324 18.49 2.84 -9.01
C THR A 324 18.98 4.12 -9.68
N VAL A 325 18.40 4.47 -10.83
CA VAL A 325 18.84 5.66 -11.55
C VAL A 325 18.60 6.91 -10.70
N CYS A 326 17.40 7.02 -10.12
CA CYS A 326 17.06 8.21 -9.34
C CYS A 326 17.94 8.34 -8.11
N ILE A 327 18.20 7.24 -7.40
CA ILE A 327 19.01 7.34 -6.19
C ILE A 327 20.45 7.68 -6.54
N GLY A 328 20.97 7.13 -7.64
CA GLY A 328 22.31 7.50 -8.06
C GLY A 328 22.42 8.97 -8.41
N LEU A 329 21.45 9.48 -9.17
CA LEU A 329 21.45 10.89 -9.52
C LEU A 329 21.33 11.76 -8.29
N TYR A 330 20.51 11.35 -7.32
CA TYR A 330 20.35 12.14 -6.10
C TYR A 330 21.64 12.18 -5.30
N VAL A 331 22.30 11.03 -5.16
CA VAL A 331 23.53 11.00 -4.37
C VAL A 331 24.62 11.82 -5.03
N GLN A 332 24.75 11.72 -6.36
CA GLN A 332 25.83 12.45 -7.02
C GLN A 332 25.55 13.95 -7.10
N ASP A 333 24.31 14.33 -7.39
CA ASP A 333 24.00 15.73 -7.70
C ASP A 333 23.80 16.57 -6.44
N ILE A 334 22.80 16.24 -5.64
CA ILE A 334 22.41 17.08 -4.51
C ILE A 334 23.41 16.95 -3.37
N LEU A 335 23.57 15.73 -2.84
CA LEU A 335 24.41 15.55 -1.68
C LEU A 335 25.89 15.80 -1.96
N GLY A 336 26.29 15.89 -3.23
CA GLY A 336 27.65 16.20 -3.57
C GLY A 336 28.62 15.05 -3.43
N TYR A 337 28.14 13.84 -3.18
CA TYR A 337 29.01 12.69 -3.03
C TYR A 337 29.70 12.36 -4.35
N SER A 338 30.96 11.96 -4.25
CA SER A 338 31.72 11.56 -5.42
C SER A 338 31.32 10.16 -5.87
N ALA A 339 31.80 9.77 -7.05
CA ALA A 339 31.50 8.44 -7.57
C ALA A 339 32.08 7.35 -6.65
N LEU A 340 33.31 7.54 -6.18
CA LEU A 340 33.92 6.55 -5.31
C LEU A 340 33.17 6.44 -3.99
N ARG A 341 32.77 7.58 -3.42
CA ARG A 341 32.01 7.55 -2.17
C ARG A 341 30.67 6.85 -2.36
N ALA A 342 30.00 7.11 -3.49
CA ALA A 342 28.75 6.42 -3.78
C ALA A 342 28.96 4.92 -3.92
N GLY A 343 30.04 4.51 -4.59
CA GLY A 343 30.31 3.10 -4.73
C GLY A 343 30.59 2.42 -3.40
N VAL A 344 31.35 3.07 -2.54
CA VAL A 344 31.63 2.50 -1.22
C VAL A 344 30.35 2.46 -0.39
N GLY A 345 29.47 3.44 -0.54
CA GLY A 345 28.27 3.51 0.26
C GLY A 345 27.15 2.58 -0.13
N PHE A 346 27.30 1.82 -1.23
CA PHE A 346 26.26 0.92 -1.68
C PHE A 346 26.63 -0.55 -1.49
N ILE A 347 27.78 -0.85 -0.89
CA ILE A 347 28.08 -2.23 -0.53
C ILE A 347 27.06 -2.80 0.44
N PRO A 348 26.57 -2.06 1.45
CA PRO A 348 25.49 -2.59 2.28
C PRO A 348 24.25 -2.99 1.49
N PHE A 349 23.97 -2.34 0.35
CA PHE A 349 22.88 -2.79 -0.49
C PHE A 349 23.15 -4.20 -1.03
N VAL A 350 24.39 -4.46 -1.45
CA VAL A 350 24.75 -5.80 -1.92
C VAL A 350 24.58 -6.81 -0.80
N ILE A 351 25.05 -6.47 0.40
CA ILE A 351 24.96 -7.40 1.53
C ILE A 351 23.51 -7.69 1.88
N ALA A 352 22.67 -6.64 1.92
CA ALA A 352 21.27 -6.83 2.25
C ALA A 352 20.56 -7.66 1.19
N MET A 353 20.87 -7.42 -0.09
CA MET A 353 20.28 -8.22 -1.15
C MET A 353 20.71 -9.68 -1.03
N GLY A 354 21.97 -9.92 -0.69
CA GLY A 354 22.41 -11.29 -0.47
C GLY A 354 21.67 -11.98 0.66
N ILE A 355 21.47 -11.26 1.78
CA ILE A 355 20.73 -11.82 2.89
C ILE A 355 19.29 -12.14 2.48
N GLY A 356 18.65 -11.22 1.77
CA GLY A 356 17.29 -11.44 1.32
C GLY A 356 17.18 -12.64 0.39
N LEU A 357 18.12 -12.77 -0.54
CA LEU A 357 18.11 -13.91 -1.44
C LEU A 357 18.32 -15.21 -0.68
N GLY A 358 19.24 -15.20 0.29
CA GLY A 358 19.48 -16.40 1.09
C GLY A 358 18.25 -16.85 1.86
N VAL A 359 17.54 -15.88 2.46
CA VAL A 359 16.34 -16.27 3.21
C VAL A 359 15.22 -16.69 2.27
N SER A 360 15.11 -16.05 1.11
CA SER A 360 14.02 -16.37 0.19
C SER A 360 14.21 -17.75 -0.42
N SER A 361 15.46 -18.14 -0.70
CA SER A 361 15.70 -19.45 -1.28
C SER A 361 15.23 -20.55 -0.36
N GLN A 362 15.45 -20.40 0.95
CA GLN A 362 14.97 -21.40 1.90
C GLN A 362 13.47 -21.30 2.11
N LEU A 363 12.93 -20.07 2.13
CA LEU A 363 11.51 -19.90 2.45
C LEU A 363 10.59 -20.34 1.32
N VAL A 364 11.06 -20.32 0.07
CA VAL A 364 10.17 -20.63 -1.06
C VAL A 364 9.74 -22.10 -1.04
N SER A 365 10.45 -22.96 -0.30
CA SER A 365 10.12 -24.37 -0.29
C SER A 365 8.79 -24.67 0.38
N ARG A 366 8.30 -23.77 1.23
CA ARG A 366 7.10 -24.02 2.00
C ARG A 366 5.99 -22.98 1.82
N PHE A 367 6.31 -21.79 1.34
CA PHE A 367 5.33 -20.74 1.11
C PHE A 367 5.18 -20.44 -0.37
N SER A 368 4.01 -19.91 -0.73
CA SER A 368 3.72 -19.59 -2.11
C SER A 368 4.47 -18.34 -2.55
N PRO A 369 4.65 -18.15 -3.87
CA PRO A 369 5.33 -16.94 -4.35
C PRO A 369 4.63 -15.66 -3.94
N ARG A 370 3.30 -15.69 -3.85
CA ARG A 370 2.53 -14.49 -3.54
C ARG A 370 2.93 -13.91 -2.19
N VAL A 371 3.05 -14.76 -1.17
CA VAL A 371 3.32 -14.28 0.19
C VAL A 371 4.70 -13.64 0.26
N LEU A 372 5.72 -14.30 -0.29
CA LEU A 372 7.07 -13.76 -0.25
C LEU A 372 7.16 -12.47 -1.05
N THR A 373 6.51 -12.43 -2.22
CA THR A 373 6.53 -11.22 -3.03
C THR A 373 5.91 -10.05 -2.27
N ILE A 374 4.77 -10.30 -1.62
CA ILE A 374 4.10 -9.23 -0.90
C ILE A 374 4.90 -8.79 0.33
N GLY A 375 5.58 -9.73 1.01
CA GLY A 375 6.42 -9.33 2.13
C GLY A 375 7.59 -8.46 1.71
N GLY A 376 8.26 -8.85 0.62
CA GLY A 376 9.32 -8.01 0.09
C GLY A 376 8.82 -6.65 -0.33
N GLY A 377 7.65 -6.60 -0.98
CA GLY A 377 7.06 -5.32 -1.33
C GLY A 377 6.71 -4.48 -0.12
N TYR A 378 6.30 -5.14 0.97
CA TYR A 378 6.01 -4.42 2.21
C TYR A 378 7.25 -3.72 2.73
N LEU A 379 8.36 -4.46 2.83
CA LEU A 379 9.59 -3.86 3.32
C LEU A 379 10.07 -2.74 2.40
N LEU A 380 10.01 -2.97 1.08
CA LEU A 380 10.48 -1.96 0.13
C LEU A 380 9.60 -0.72 0.16
N PHE A 381 8.28 -0.90 0.31
CA PHE A 381 7.37 0.22 0.42
C PHE A 381 7.68 1.05 1.66
N GLY A 382 7.95 0.38 2.78
CA GLY A 382 8.34 1.12 3.97
C GLY A 382 9.61 1.93 3.75
N ALA A 383 10.61 1.31 3.13
CA ALA A 383 11.88 2.01 2.88
C ALA A 383 11.67 3.21 1.96
N MET A 384 10.88 3.05 0.90
CA MET A 384 10.66 4.14 -0.03
C MET A 384 9.88 5.27 0.61
N LEU A 385 8.90 4.95 1.46
CA LEU A 385 8.16 6.00 2.15
C LEU A 385 9.06 6.75 3.12
N TYR A 386 9.93 6.04 3.84
CA TYR A 386 10.87 6.70 4.73
C TYR A 386 11.79 7.63 3.95
N GLY A 387 12.28 7.17 2.79
CA GLY A 387 13.11 8.03 1.97
C GLY A 387 12.36 9.26 1.47
N SER A 388 11.11 9.06 1.06
CA SER A 388 10.32 10.16 0.52
C SER A 388 10.04 11.22 1.58
N PHE A 389 9.89 10.81 2.84
CA PHE A 389 9.55 11.78 3.88
C PHE A 389 10.78 12.47 4.45
N PHE A 390 11.68 11.68 5.05
CA PHE A 390 12.76 12.24 5.88
C PHE A 390 14.09 12.20 5.12
N MET A 391 14.18 13.01 4.06
CA MET A 391 15.43 13.10 3.32
C MET A 391 15.58 14.51 2.76
N HIS A 392 16.77 15.10 2.93
CA HIS A 392 17.08 16.40 2.35
C HIS A 392 18.58 16.61 2.39
N ARG A 393 19.05 17.67 1.76
CA ARG A 393 20.47 17.95 1.68
C ARG A 393 21.00 18.36 3.05
N GLY A 394 22.14 17.80 3.44
CA GLY A 394 22.79 18.12 4.69
C GLY A 394 22.63 17.08 5.77
N VAL A 395 21.84 16.03 5.55
CA VAL A 395 21.61 15.01 6.57
C VAL A 395 22.86 14.17 6.77
N PRO A 396 23.10 13.66 7.97
CA PRO A 396 24.20 12.71 8.17
C PRO A 396 23.95 11.44 7.39
N TYR A 397 25.05 10.76 7.05
CA TYR A 397 24.94 9.54 6.26
C TYR A 397 24.41 8.38 7.07
N PHE A 398 24.86 8.23 8.31
CA PHE A 398 24.65 6.96 9.00
C PHE A 398 23.18 6.72 9.34
N PRO A 399 22.55 7.48 10.26
CA PRO A 399 21.18 7.12 10.61
C PRO A 399 20.13 7.81 9.76
N ASN A 400 20.37 7.97 8.46
CA ASN A 400 19.30 8.46 7.59
C ASN A 400 19.42 7.88 6.18
N LEU A 401 20.41 7.06 5.88
CA LEU A 401 20.55 6.55 4.53
C LEU A 401 20.90 5.07 4.46
N VAL A 402 21.33 4.45 5.56
CA VAL A 402 21.73 3.04 5.54
C VAL A 402 20.54 2.13 5.78
N MET A 403 19.69 2.48 6.75
CA MET A 403 18.53 1.65 7.04
C MET A 403 17.57 1.50 5.86
N PRO A 404 17.17 2.58 5.16
CA PRO A 404 16.31 2.37 3.99
C PRO A 404 16.95 1.49 2.93
N ILE A 405 18.26 1.64 2.70
CA ILE A 405 18.94 0.83 1.71
C ILE A 405 18.92 -0.65 2.11
N VAL A 406 19.19 -0.93 3.38
CA VAL A 406 19.23 -2.32 3.84
C VAL A 406 17.84 -2.94 3.75
N VAL A 407 16.81 -2.21 4.20
CA VAL A 407 15.46 -2.75 4.16
C VAL A 407 15.02 -3.00 2.73
N GLY A 408 15.32 -2.06 1.83
CA GLY A 408 14.99 -2.25 0.43
C GLY A 408 15.71 -3.44 -0.18
N GLY A 409 16.98 -3.63 0.19
CA GLY A 409 17.71 -4.79 -0.31
C GLY A 409 17.11 -6.09 0.15
N ILE A 410 16.72 -6.16 1.42
CA ILE A 410 16.09 -7.38 1.93
C ILE A 410 14.78 -7.64 1.20
N GLY A 411 13.99 -6.59 0.97
CA GLY A 411 12.73 -6.76 0.26
C GLY A 411 12.93 -7.24 -1.16
N ILE A 412 13.88 -6.63 -1.88
CA ILE A 412 14.15 -7.03 -3.26
C ILE A 412 14.64 -8.47 -3.30
N GLY A 413 15.48 -8.87 -2.35
CA GLY A 413 15.95 -10.23 -2.31
C GLY A 413 14.83 -11.23 -2.08
N MET A 414 13.91 -10.91 -1.17
CA MET A 414 12.78 -11.80 -0.94
C MET A 414 11.83 -11.81 -2.13
N ALA A 415 11.83 -10.75 -2.93
CA ALA A 415 10.83 -10.65 -4.00
C ALA A 415 11.27 -11.24 -5.32
N VAL A 416 12.56 -11.11 -5.70
CA VAL A 416 12.95 -11.43 -7.07
C VAL A 416 12.91 -12.93 -7.33
N VAL A 417 13.33 -13.75 -6.36
CA VAL A 417 13.42 -15.19 -6.59
C VAL A 417 12.09 -15.84 -6.92
N PRO A 418 11.02 -15.65 -6.13
CA PRO A 418 9.75 -16.32 -6.47
C PRO A 418 9.23 -15.96 -7.85
N LEU A 419 9.43 -14.70 -8.28
CA LEU A 419 8.93 -14.29 -9.58
C LEU A 419 9.60 -15.07 -10.71
N THR A 420 10.93 -15.22 -10.65
CA THR A 420 11.61 -15.91 -11.73
C THR A 420 11.41 -17.42 -11.67
N LEU A 421 11.31 -18.00 -10.48
CA LEU A 421 10.92 -19.41 -10.42
C LEU A 421 9.52 -19.62 -10.98
N SER A 422 8.61 -18.67 -10.76
CA SER A 422 7.30 -18.74 -11.37
C SER A 422 7.40 -18.62 -12.89
N ALA A 423 8.31 -17.77 -13.36
CA ALA A 423 8.48 -17.58 -14.80
C ALA A 423 8.98 -18.86 -15.47
N ILE A 424 9.93 -19.55 -14.87
CA ILE A 424 10.56 -20.72 -15.50
C ILE A 424 9.94 -22.03 -15.02
N ALA A 425 8.72 -21.99 -14.49
CA ALA A 425 8.08 -23.19 -13.96
C ALA A 425 7.13 -23.76 -15.00
N GLY A 426 7.28 -25.05 -15.29
CA GLY A 426 6.38 -25.76 -16.17
C GLY A 426 6.27 -25.18 -17.57
N VAL A 427 7.35 -25.25 -18.34
CA VAL A 427 7.40 -24.74 -19.71
C VAL A 427 7.70 -25.85 -20.70
N GLY A 428 8.79 -26.58 -20.47
CA GLY A 428 9.19 -27.66 -21.37
C GLY A 428 10.63 -27.50 -21.81
N PHE A 429 11.25 -28.61 -22.18
CA PHE A 429 12.65 -28.61 -22.59
C PHE A 429 12.85 -28.02 -23.98
N ASP A 430 11.78 -27.80 -24.73
CA ASP A 430 11.87 -27.24 -26.08
C ASP A 430 11.37 -25.80 -26.17
N GLN A 431 10.97 -25.20 -25.04
CA GLN A 431 10.44 -23.84 -25.07
C GLN A 431 11.01 -22.97 -23.96
N ILE A 432 11.99 -23.45 -23.19
CA ILE A 432 12.52 -22.65 -22.09
C ILE A 432 13.28 -21.43 -22.61
N GLY A 433 13.96 -21.56 -23.74
CA GLY A 433 14.74 -20.49 -24.29
C GLY A 433 13.94 -19.25 -24.61
N PRO A 434 12.86 -19.40 -25.40
CA PRO A 434 12.00 -18.24 -25.66
C PRO A 434 11.41 -17.63 -24.40
N VAL A 435 11.05 -18.46 -23.41
CA VAL A 435 10.49 -17.93 -22.17
C VAL A 435 11.52 -17.07 -21.44
N SER A 436 12.76 -17.57 -21.34
CA SER A 436 13.82 -16.80 -20.70
C SER A 436 14.10 -15.51 -21.47
N ALA A 437 14.10 -15.58 -22.80
CA ALA A 437 14.33 -14.40 -23.61
C ALA A 437 13.25 -13.35 -23.37
N ILE A 438 11.99 -13.79 -23.31
CA ILE A 438 10.89 -12.86 -23.05
C ILE A 438 11.03 -12.25 -21.65
N ALA A 439 11.41 -13.07 -20.67
CA ALA A 439 11.57 -12.57 -19.31
C ALA A 439 12.62 -11.47 -19.26
N LEU A 440 13.80 -11.72 -19.84
CA LEU A 440 14.86 -10.72 -19.83
C LEU A 440 14.46 -9.49 -20.65
N MET A 441 13.75 -9.69 -21.76
CA MET A 441 13.32 -8.57 -22.58
C MET A 441 12.39 -7.65 -21.80
N LEU A 442 11.40 -8.21 -21.13
CA LEU A 442 10.49 -7.39 -20.32
C LEU A 442 11.23 -6.73 -19.17
N GLN A 443 12.14 -7.47 -18.52
CA GLN A 443 12.88 -6.90 -17.39
C GLN A 443 13.70 -5.70 -17.82
N SER A 444 14.36 -5.79 -18.97
CA SER A 444 15.19 -4.68 -19.45
C SER A 444 14.38 -3.61 -20.17
N LEU A 445 13.14 -3.90 -20.56
CA LEU A 445 12.32 -2.94 -21.27
C LEU A 445 11.47 -2.09 -20.34
N GLY A 446 11.09 -2.62 -19.19
CA GLY A 446 10.24 -1.86 -18.28
C GLY A 446 10.91 -0.61 -17.73
N GLY A 447 12.24 -0.57 -17.73
CA GLY A 447 12.98 0.52 -17.14
C GLY A 447 12.69 1.87 -17.75
N PRO A 448 13.09 2.06 -19.01
CA PRO A 448 12.91 3.39 -19.64
C PRO A 448 11.47 3.88 -19.63
N LEU A 449 10.49 2.97 -19.79
CA LEU A 449 9.10 3.40 -19.89
C LEU A 449 8.65 4.13 -18.65
N VAL A 450 9.04 3.65 -17.47
CA VAL A 450 8.66 4.33 -16.23
C VAL A 450 9.66 5.41 -15.84
N LEU A 451 10.93 5.26 -16.23
CA LEU A 451 11.93 6.26 -15.91
C LEU A 451 11.61 7.58 -16.60
N ALA A 452 11.14 7.53 -17.85
CA ALA A 452 10.77 8.75 -18.55
C ALA A 452 9.65 9.47 -17.84
N VAL A 453 8.62 8.74 -17.39
CA VAL A 453 7.51 9.36 -16.69
C VAL A 453 7.98 9.97 -15.37
N ILE A 454 8.83 9.25 -14.64
CA ILE A 454 9.32 9.76 -13.36
C ILE A 454 10.13 11.03 -13.56
N GLN A 455 11.02 11.04 -14.57
CA GLN A 455 11.81 12.23 -14.84
C GLN A 455 10.93 13.39 -15.28
N ALA A 456 9.89 13.13 -16.08
CA ALA A 456 8.99 14.21 -16.48
C ALA A 456 8.29 14.80 -15.27
N VAL A 457 7.82 13.95 -14.35
CA VAL A 457 7.18 14.45 -13.14
C VAL A 457 8.15 15.27 -12.31
N ILE A 458 9.40 14.80 -12.19
CA ILE A 458 10.39 15.52 -11.40
C ILE A 458 10.67 16.89 -12.00
N THR A 459 10.81 16.96 -13.33
CA THR A 459 11.06 18.25 -13.97
C THR A 459 9.87 19.18 -13.81
N SER A 460 8.66 18.66 -13.96
CA SER A 460 7.48 19.50 -13.77
C SER A 460 7.42 20.05 -12.36
N ARG A 461 7.70 19.22 -11.36
CA ARG A 461 7.70 19.69 -9.97
C ARG A 461 8.81 20.70 -9.75
N THR A 462 9.99 20.50 -10.34
CA THR A 462 11.08 21.45 -10.20
C THR A 462 10.69 22.81 -10.76
N LEU A 463 10.09 22.82 -11.96
CA LEU A 463 9.66 24.08 -12.54
C LEU A 463 8.52 24.70 -11.76
N TYR A 464 7.70 23.89 -11.08
CA TYR A 464 6.59 24.41 -10.29
C TYR A 464 7.10 25.30 -9.17
N LEU A 465 8.15 24.86 -8.47
CA LEU A 465 8.73 25.67 -7.40
C LEU A 465 9.62 26.78 -7.92
N GLY A 466 9.92 26.80 -9.22
CA GLY A 466 10.74 27.85 -9.79
C GLY A 466 12.23 27.58 -9.73
N GLY A 467 12.65 26.42 -10.22
CA GLY A 467 14.06 26.10 -10.29
C GLY A 467 14.66 26.53 -11.60
N THR A 468 15.50 25.67 -12.20
CA THR A 468 16.06 25.94 -13.51
C THR A 468 16.46 24.62 -14.15
N THR A 469 16.68 24.67 -15.46
CA THR A 469 17.09 23.51 -16.23
C THR A 469 18.54 23.67 -16.67
N GLY A 470 19.30 22.58 -16.60
CA GLY A 470 20.68 22.59 -16.99
C GLY A 470 21.56 21.82 -16.04
N PRO A 471 22.76 22.31 -15.79
CA PRO A 471 23.67 21.63 -14.86
C PRO A 471 23.36 21.96 -13.41
N VAL A 472 23.48 20.94 -12.55
CA VAL A 472 23.20 21.09 -11.14
C VAL A 472 24.32 21.82 -10.40
N LYS A 473 25.54 21.84 -10.97
CA LYS A 473 26.67 22.46 -10.32
C LYS A 473 26.67 23.98 -10.41
N PHE A 474 25.85 24.56 -11.30
CA PHE A 474 25.82 26.00 -11.50
C PHE A 474 24.57 26.65 -10.90
N MET A 475 23.87 25.95 -10.00
CA MET A 475 22.66 26.46 -9.38
C MET A 475 22.96 27.01 -7.99
N ASN A 476 22.08 27.88 -7.52
CA ASN A 476 22.19 28.44 -6.18
C ASN A 476 21.39 27.57 -5.20
N ASP A 477 21.18 28.08 -3.99
CA ASP A 477 20.46 27.30 -2.99
C ASP A 477 19.00 27.08 -3.38
N VAL A 478 18.38 28.06 -4.06
CA VAL A 478 16.96 27.96 -4.37
C VAL A 478 16.69 26.79 -5.31
N GLN A 479 17.44 26.71 -6.42
CA GLN A 479 17.21 25.63 -7.37
C GLN A 479 17.57 24.28 -6.76
N LEU A 480 18.61 24.24 -5.92
CA LEU A 480 18.97 22.99 -5.27
C LEU A 480 17.85 22.51 -4.36
N ALA A 481 17.26 23.40 -3.58
CA ALA A 481 16.13 23.03 -2.73
C ALA A 481 14.94 22.57 -3.56
N ALA A 482 14.67 23.27 -4.66
CA ALA A 482 13.55 22.86 -5.52
C ALA A 482 13.76 21.47 -6.08
N LEU A 483 14.98 21.17 -6.54
CA LEU A 483 15.25 19.85 -7.12
C LEU A 483 15.23 18.75 -6.05
N ASP A 484 15.70 19.07 -4.84
CA ASP A 484 15.60 18.12 -3.74
C ASP A 484 14.14 17.76 -3.45
N HIS A 485 13.29 18.78 -3.38
CA HIS A 485 11.86 18.52 -3.15
C HIS A 485 11.27 17.73 -4.31
N ALA A 486 11.75 17.98 -5.53
CA ALA A 486 11.24 17.24 -6.68
C ALA A 486 11.56 15.76 -6.60
N TYR A 487 12.81 15.42 -6.23
CA TYR A 487 13.16 14.00 -6.07
C TYR A 487 12.35 13.35 -4.94
N THR A 488 12.23 14.04 -3.81
CA THR A 488 11.45 13.47 -2.71
C THR A 488 9.98 13.33 -3.08
N TYR A 489 9.48 14.14 -4.01
CA TYR A 489 8.12 13.96 -4.51
C TYR A 489 8.02 12.79 -5.49
N GLY A 490 9.03 12.59 -6.33
CA GLY A 490 8.99 11.48 -7.28
C GLY A 490 9.11 10.13 -6.62
N LEU A 491 9.73 10.08 -5.44
CA LEU A 491 9.73 8.82 -4.68
C LEU A 491 8.31 8.34 -4.42
N LEU A 492 7.36 9.26 -4.22
CA LEU A 492 5.98 8.86 -3.99
C LEU A 492 5.38 8.18 -5.21
N TRP A 493 5.69 8.68 -6.41
CA TRP A 493 5.19 8.02 -7.61
C TRP A 493 5.84 6.65 -7.80
N VAL A 494 7.10 6.52 -7.44
CA VAL A 494 7.73 5.21 -7.46
C VAL A 494 7.02 4.27 -6.49
N ALA A 495 6.64 4.77 -5.32
CA ALA A 495 5.90 3.96 -4.36
C ALA A 495 4.54 3.54 -4.91
N GLY A 496 3.86 4.45 -5.61
CA GLY A 496 2.60 4.10 -6.24
C GLY A 496 2.76 3.01 -7.30
N ALA A 497 3.85 3.10 -8.08
CA ALA A 497 4.16 2.02 -9.01
C ALA A 497 4.37 0.70 -8.28
N ALA A 498 5.05 0.74 -7.14
CA ALA A 498 5.26 -0.47 -6.37
C ALA A 498 3.94 -1.05 -5.87
N ILE A 499 3.03 -0.20 -5.41
CA ILE A 499 1.79 -0.70 -4.85
C ILE A 499 0.91 -1.29 -5.94
N ILE A 500 0.90 -0.67 -7.13
CA ILE A 500 0.15 -1.31 -8.22
C ILE A 500 0.81 -2.62 -8.63
N VAL A 501 2.16 -2.69 -8.58
CA VAL A 501 2.85 -3.95 -8.85
C VAL A 501 2.36 -5.05 -7.92
N GLY A 502 2.32 -4.75 -6.62
CA GLY A 502 1.90 -5.75 -5.65
C GLY A 502 0.43 -6.12 -5.81
N GLY A 503 -0.44 -5.13 -6.02
CA GLY A 503 -1.84 -5.42 -6.21
C GLY A 503 -2.09 -6.31 -7.41
N MET A 504 -1.35 -6.08 -8.50
CA MET A 504 -1.52 -6.92 -9.68
C MET A 504 -0.85 -8.28 -9.53
N ALA A 505 0.21 -8.37 -8.72
CA ALA A 505 0.84 -9.66 -8.44
C ALA A 505 0.07 -10.46 -7.39
N LEU A 506 -0.95 -9.85 -6.77
CA LEU A 506 -1.83 -10.59 -5.87
C LEU A 506 -2.56 -11.74 -6.56
N PHE A 507 -2.63 -11.73 -7.88
CA PHE A 507 -3.41 -12.71 -8.64
C PHE A 507 -2.54 -13.76 -9.31
N ILE A 508 -1.48 -14.21 -8.62
CA ILE A 508 -0.59 -15.21 -9.21
C ILE A 508 -1.23 -16.58 -9.19
N GLY A 509 -1.56 -17.09 -8.00
CA GLY A 509 -2.28 -18.33 -7.88
C GLY A 509 -1.45 -19.60 -8.01
N TYR A 510 -0.14 -19.49 -8.08
CA TYR A 510 0.70 -20.69 -8.14
C TYR A 510 0.67 -21.42 -6.80
N THR A 511 1.20 -22.64 -6.83
CA THR A 511 1.34 -23.52 -5.68
C THR A 511 2.83 -23.75 -5.40
N PRO A 512 3.23 -23.80 -4.13
CA PRO A 512 4.66 -24.06 -3.83
C PRO A 512 5.17 -25.37 -4.40
N GLN A 513 4.30 -26.36 -4.60
CA GLN A 513 4.75 -27.64 -5.11
C GLN A 513 5.28 -27.52 -6.54
N GLN A 514 4.66 -26.69 -7.37
CA GLN A 514 5.04 -26.61 -8.77
C GLN A 514 6.29 -25.76 -9.01
N VAL A 515 6.79 -25.05 -8.00
CA VAL A 515 7.88 -24.11 -8.19
C VAL A 515 9.14 -24.54 -7.46
N ALA A 516 9.03 -25.12 -6.27
CA ALA A 516 10.19 -25.42 -5.45
C ALA A 516 10.24 -26.86 -4.96
N HIS A 517 9.33 -27.72 -5.39
CA HIS A 517 9.32 -29.11 -4.97
C HIS A 517 9.82 -29.99 -6.10
N ALA A 518 10.66 -30.97 -5.74
CA ALA A 518 11.33 -31.78 -6.73
C ALA A 518 10.37 -32.80 -7.34
N GLN A 519 10.89 -33.58 -8.29
CA GLN A 519 10.14 -34.63 -8.97
C GLN A 519 8.89 -34.08 -9.65
N SER B 48 -3.20 17.89 38.03
CA SER B 48 -3.01 16.45 38.20
C SER B 48 -4.35 15.74 38.34
N ARG B 49 -4.91 15.75 39.55
CA ARG B 49 -6.20 15.12 39.78
C ARG B 49 -7.31 15.82 39.00
N SER B 50 -7.23 17.15 38.91
CA SER B 50 -8.25 17.89 38.16
C SER B 50 -8.22 17.52 36.68
N PHE B 51 -7.03 17.37 36.11
CA PHE B 51 -6.92 17.01 34.70
C PHE B 51 -7.49 15.62 34.45
N ILE B 52 -7.18 14.67 35.33
CA ILE B 52 -7.71 13.31 35.19
C ILE B 52 -9.23 13.34 35.27
N ALA B 53 -9.77 14.07 36.25
CA ALA B 53 -11.22 14.16 36.40
C ALA B 53 -11.85 14.77 35.15
N ALA B 54 -11.24 15.84 34.62
CA ALA B 54 -11.81 16.51 33.46
C ALA B 54 -11.82 15.60 32.24
N VAL B 55 -10.71 14.91 31.99
CA VAL B 55 -10.64 14.07 30.80
C VAL B 55 -11.59 12.88 30.93
N ILE B 56 -11.70 12.31 32.13
CA ILE B 56 -12.62 11.19 32.32
C ILE B 56 -14.06 11.65 32.14
N ALA B 57 -14.41 12.82 32.68
CA ALA B 57 -15.76 13.34 32.52
C ALA B 57 -16.07 13.60 31.05
N ILE B 58 -15.11 14.17 30.31
CA ILE B 58 -15.33 14.44 28.89
C ILE B 58 -15.51 13.13 28.12
N GLY B 59 -14.68 12.12 28.41
CA GLY B 59 -14.73 10.89 27.66
C GLY B 59 -15.77 9.87 28.10
N GLY B 60 -16.46 10.13 29.21
CA GLY B 60 -17.41 9.14 29.71
C GLY B 60 -18.56 8.83 28.76
N MET B 61 -19.01 9.82 27.99
CA MET B 61 -20.16 9.60 27.12
C MET B 61 -19.86 8.58 26.03
N GLN B 62 -18.67 8.65 25.44
CA GLN B 62 -18.28 7.68 24.42
C GLN B 62 -18.25 6.27 25.01
N LEU B 63 -17.67 6.13 26.21
CA LEU B 63 -17.63 4.83 26.86
C LEU B 63 -19.03 4.29 27.10
N LEU B 64 -19.92 5.13 27.61
CA LEU B 64 -21.29 4.69 27.87
C LEU B 64 -21.99 4.26 26.58
N ALA B 65 -21.87 5.06 25.52
CA ALA B 65 -22.57 4.75 24.29
C ALA B 65 -22.06 3.45 23.67
N THR B 66 -20.73 3.29 23.61
CA THR B 66 -20.17 2.09 23.00
C THR B 66 -20.49 0.85 23.83
N MET B 67 -20.42 0.97 25.16
CA MET B 67 -20.77 -0.14 26.03
C MET B 67 -22.23 -0.54 25.83
N ASP B 68 -23.13 0.44 25.77
CA ASP B 68 -24.54 0.13 25.58
C ASP B 68 -24.77 -0.56 24.24
N SER B 69 -24.14 -0.06 23.17
CA SER B 69 -24.33 -0.68 21.86
C SER B 69 -23.83 -2.11 21.86
N THR B 70 -22.64 -2.36 22.42
CA THR B 70 -22.09 -3.71 22.41
C THR B 70 -22.93 -4.66 23.25
N VAL B 71 -23.34 -4.24 24.45
CA VAL B 71 -24.14 -5.12 25.29
C VAL B 71 -25.50 -5.38 24.64
N ALA B 72 -26.09 -4.37 24.00
CA ALA B 72 -27.37 -4.55 23.34
C ALA B 72 -27.26 -5.53 22.18
N ILE B 73 -26.20 -5.44 21.38
CA ILE B 73 -26.07 -6.36 20.26
C ILE B 73 -25.68 -7.76 20.71
N VAL B 74 -25.06 -7.91 21.87
CA VAL B 74 -24.67 -9.23 22.34
C VAL B 74 -25.89 -10.07 22.70
N ALA B 75 -26.85 -9.48 23.43
CA ALA B 75 -27.95 -10.21 24.02
C ALA B 75 -29.26 -10.04 23.25
N LEU B 76 -29.20 -9.97 21.93
CA LEU B 76 -30.43 -9.89 21.13
C LEU B 76 -31.33 -11.13 21.24
N PRO B 77 -30.82 -12.38 21.13
CA PRO B 77 -31.75 -13.50 21.01
C PRO B 77 -32.39 -13.97 22.31
N LYS B 78 -31.74 -13.76 23.46
CA LYS B 78 -32.43 -13.95 24.72
C LYS B 78 -33.60 -12.97 24.85
N ILE B 79 -33.39 -11.74 24.40
CA ILE B 79 -34.48 -10.76 24.37
C ILE B 79 -35.59 -11.24 23.46
N GLN B 80 -35.24 -11.78 22.29
CA GLN B 80 -36.27 -12.30 21.40
C GLN B 80 -37.06 -13.44 22.06
N ASN B 81 -36.35 -14.35 22.74
CA ASN B 81 -37.03 -15.45 23.40
C ASN B 81 -37.96 -14.95 24.51
N GLU B 82 -37.51 -13.98 25.30
CA GLU B 82 -38.31 -13.54 26.44
C GLU B 82 -39.50 -12.69 25.99
N LEU B 83 -39.30 -11.79 25.05
CA LEU B 83 -40.35 -10.88 24.62
C LEU B 83 -41.17 -11.41 23.45
N SER B 84 -40.77 -12.54 22.86
CA SER B 84 -41.49 -13.14 21.73
C SER B 84 -41.62 -12.15 20.57
N LEU B 85 -40.48 -11.73 20.06
CA LEU B 85 -40.42 -10.78 18.97
C LEU B 85 -40.17 -11.49 17.64
N SER B 86 -40.49 -10.80 16.55
CA SER B 86 -40.27 -11.28 15.20
C SER B 86 -39.02 -10.63 14.62
N ASP B 87 -38.77 -10.87 13.33
CA ASP B 87 -37.62 -10.26 12.67
C ASP B 87 -37.75 -8.74 12.65
N ALA B 88 -38.96 -8.23 12.43
CA ALA B 88 -39.17 -6.78 12.44
C ALA B 88 -38.83 -6.20 13.81
N GLY B 89 -39.22 -6.87 14.89
CA GLY B 89 -38.85 -6.40 16.21
C GLY B 89 -37.36 -6.43 16.45
N ARG B 90 -36.70 -7.48 15.98
CA ARG B 90 -35.24 -7.57 16.13
C ARG B 90 -34.55 -6.41 15.41
N SER B 91 -35.00 -6.09 14.19
CA SER B 91 -34.43 -4.95 13.49
C SER B 91 -34.76 -3.64 14.22
N TRP B 92 -36.00 -3.48 14.68
CA TRP B 92 -36.42 -2.22 15.28
C TRP B 92 -35.71 -1.93 16.60
N VAL B 93 -35.34 -2.98 17.34
CA VAL B 93 -34.66 -2.76 18.61
C VAL B 93 -33.37 -1.98 18.41
N ILE B 94 -32.59 -2.36 17.40
CA ILE B 94 -31.36 -1.62 17.11
C ILE B 94 -31.64 -0.36 16.31
N THR B 95 -32.70 -0.36 15.48
CA THR B 95 -32.99 0.79 14.65
C THR B 95 -33.44 1.99 15.48
N ALA B 96 -34.08 1.75 16.62
CA ALA B 96 -34.58 2.86 17.44
C ALA B 96 -33.45 3.75 17.91
N TYR B 97 -32.33 3.14 18.32
CA TYR B 97 -31.16 3.92 18.73
C TYR B 97 -30.63 4.77 17.58
N VAL B 98 -30.46 4.15 16.40
CA VAL B 98 -29.79 4.82 15.29
C VAL B 98 -30.66 5.95 14.74
N LEU B 99 -31.97 5.77 14.71
CA LEU B 99 -32.85 6.80 14.17
C LEU B 99 -32.66 8.12 14.90
N THR B 100 -32.78 8.11 16.23
CA THR B 100 -32.62 9.32 17.00
C THR B 100 -31.17 9.76 17.10
N PHE B 101 -30.22 8.83 17.08
CA PHE B 101 -28.82 9.23 17.12
C PHE B 101 -28.43 10.03 15.89
N GLY B 102 -28.89 9.61 14.72
CA GLY B 102 -28.58 10.31 13.49
C GLY B 102 -29.45 11.52 13.24
N GLY B 103 -30.69 11.48 13.70
CA GLY B 103 -31.60 12.57 13.44
C GLY B 103 -31.51 13.75 14.39
N LEU B 104 -30.66 13.69 15.40
CA LEU B 104 -30.53 14.74 16.40
C LEU B 104 -29.06 15.04 16.68
N MET B 105 -28.23 14.98 15.65
CA MET B 105 -26.80 15.23 15.80
C MET B 105 -26.49 16.74 15.69
N LEU B 106 -26.89 17.35 14.57
CA LEU B 106 -26.60 18.77 14.36
C LEU B 106 -27.31 19.65 15.38
N LEU B 107 -28.55 19.31 15.70
CA LEU B 107 -29.28 20.07 16.72
C LEU B 107 -28.54 20.03 18.05
N GLY B 108 -28.09 18.84 18.47
CA GLY B 108 -27.36 18.73 19.72
C GLY B 108 -26.04 19.47 19.67
N GLY B 109 -25.40 19.50 18.50
CA GLY B 109 -24.21 20.32 18.35
C GLY B 109 -24.48 21.80 18.50
N ARG B 110 -25.66 22.24 18.05
CA ARG B 110 -25.97 23.67 18.10
C ARG B 110 -26.47 24.16 19.46
N LEU B 111 -27.18 23.31 20.20
CA LEU B 111 -27.75 23.72 21.49
C LEU B 111 -26.69 24.05 22.53
N GLY B 112 -25.43 23.69 22.25
CA GLY B 112 -24.35 23.97 23.18
C GLY B 112 -24.15 25.46 23.39
N ASP B 113 -24.16 26.23 22.29
CA ASP B 113 -24.10 27.68 22.40
C ASP B 113 -25.44 28.28 22.83
N THR B 114 -26.54 27.61 22.51
CA THR B 114 -27.86 28.15 22.86
C THR B 114 -28.06 28.22 24.36
N ILE B 115 -27.66 27.18 25.08
CA ILE B 115 -27.90 27.11 26.51
C ILE B 115 -26.57 27.11 27.27
N GLY B 116 -25.73 26.12 26.99
CA GLY B 116 -24.47 25.97 27.69
C GLY B 116 -23.93 24.56 27.56
N ARG B 117 -22.61 24.42 27.47
CA ARG B 117 -22.04 23.10 27.22
C ARG B 117 -22.14 22.20 28.44
N LYS B 118 -21.83 22.72 29.62
CA LYS B 118 -21.90 21.91 30.84
C LYS B 118 -23.32 21.45 31.10
N ARG B 119 -24.28 22.37 31.06
CA ARG B 119 -25.67 22.02 31.31
C ARG B 119 -26.16 20.98 30.32
N THR B 120 -25.80 21.15 29.04
CA THR B 120 -26.19 20.17 28.03
C THR B 120 -25.58 18.80 28.33
N PHE B 121 -24.33 18.77 28.77
CA PHE B 121 -23.68 17.49 29.05
C PHE B 121 -24.38 16.74 30.18
N ILE B 122 -24.63 17.42 31.31
CA ILE B 122 -25.32 16.75 32.41
C ILE B 122 -26.74 16.38 32.02
N VAL B 123 -27.43 17.22 31.23
CA VAL B 123 -28.78 16.89 30.80
C VAL B 123 -28.77 15.60 29.99
N GLY B 124 -27.83 15.50 29.04
CA GLY B 124 -27.75 14.31 28.21
C GLY B 124 -27.42 13.06 28.99
N VAL B 125 -26.47 13.17 29.92
CA VAL B 125 -26.10 11.98 30.71
C VAL B 125 -27.26 11.54 31.59
N ALA B 126 -27.98 12.50 32.19
CA ALA B 126 -29.13 12.15 33.02
C ALA B 126 -30.22 11.48 32.19
N LEU B 127 -30.51 12.02 31.01
CA LEU B 127 -31.52 11.41 30.15
C LEU B 127 -31.09 10.00 29.72
N PHE B 128 -29.81 9.83 29.42
CA PHE B 128 -29.29 8.50 29.06
C PHE B 128 -29.49 7.51 30.19
N THR B 129 -29.17 7.91 31.42
CA THR B 129 -29.34 7.00 32.55
C THR B 129 -30.80 6.66 32.79
N ILE B 130 -31.69 7.66 32.74
CA ILE B 130 -33.11 7.40 32.97
C ILE B 130 -33.66 6.47 31.89
N SER B 131 -33.29 6.71 30.63
CA SER B 131 -33.79 5.85 29.56
C SER B 131 -33.21 4.45 29.64
N SER B 132 -31.97 4.31 30.10
CA SER B 132 -31.42 2.97 30.33
C SER B 132 -32.19 2.24 31.42
N VAL B 133 -32.54 2.94 32.50
CA VAL B 133 -33.37 2.33 33.53
C VAL B 133 -34.71 1.90 32.94
N LEU B 134 -35.30 2.74 32.10
CA LEU B 134 -36.56 2.39 31.44
C LEU B 134 -36.40 1.17 30.55
N CYS B 135 -35.27 1.07 29.85
CA CYS B 135 -34.96 -0.12 29.05
C CYS B 135 -34.93 -1.36 29.92
N ALA B 136 -34.29 -1.25 31.09
CA ALA B 136 -34.23 -2.39 31.99
C ALA B 136 -35.61 -2.79 32.50
N VAL B 137 -36.45 -1.80 32.83
CA VAL B 137 -37.77 -2.08 33.37
C VAL B 137 -38.79 -2.46 32.31
N ALA B 138 -38.51 -2.17 31.04
CA ALA B 138 -39.51 -2.31 29.98
C ALA B 138 -40.06 -3.73 29.93
N TRP B 139 -41.38 -3.85 29.78
CA TRP B 139 -42.09 -5.12 29.84
C TRP B 139 -42.60 -5.62 28.50
N ASP B 140 -43.04 -4.73 27.62
CA ASP B 140 -43.52 -5.12 26.29
C ASP B 140 -42.66 -4.46 25.22
N GLU B 141 -42.98 -4.76 23.96
CA GLU B 141 -42.19 -4.25 22.85
C GLU B 141 -42.26 -2.73 22.74
N ALA B 142 -43.45 -2.16 22.95
CA ALA B 142 -43.61 -0.72 22.81
C ALA B 142 -42.76 0.03 23.85
N THR B 143 -42.76 -0.45 25.09
CA THR B 143 -41.96 0.20 26.13
C THR B 143 -40.48 0.14 25.79
N LEU B 144 -40.02 -1.02 25.30
CA LEU B 144 -38.60 -1.14 24.94
C LEU B 144 -38.24 -0.20 23.79
N VAL B 145 -39.11 -0.10 22.79
CA VAL B 145 -38.84 0.78 21.67
C VAL B 145 -38.78 2.24 22.13
N ILE B 146 -39.74 2.64 22.98
CA ILE B 146 -39.77 4.01 23.47
C ILE B 146 -38.53 4.32 24.30
N ALA B 147 -38.12 3.38 25.15
CA ALA B 147 -36.94 3.58 25.98
C ALA B 147 -35.69 3.67 25.13
N ARG B 148 -35.57 2.84 24.09
CA ARG B 148 -34.41 2.92 23.21
C ARG B 148 -34.39 4.23 22.45
N LEU B 149 -35.56 4.73 22.01
CA LEU B 149 -35.60 6.02 21.34
C LEU B 149 -35.16 7.14 22.28
N SER B 150 -35.61 7.09 23.53
CA SER B 150 -35.21 8.11 24.50
C SER B 150 -33.71 8.06 24.78
N GLN B 151 -33.16 6.85 24.89
CA GLN B 151 -31.72 6.72 25.12
C GLN B 151 -30.92 7.23 23.94
N GLY B 152 -31.39 6.96 22.72
CA GLY B 152 -30.74 7.53 21.55
C GLY B 152 -30.82 9.03 21.51
N VAL B 153 -31.95 9.58 21.97
CA VAL B 153 -32.07 11.04 22.08
C VAL B 153 -31.02 11.60 23.03
N GLY B 154 -30.88 10.97 24.19
CA GLY B 154 -29.85 11.39 25.13
C GLY B 154 -28.45 11.28 24.55
N SER B 155 -28.18 10.19 23.84
CA SER B 155 -26.87 10.04 23.23
C SER B 155 -26.60 11.13 22.20
N ALA B 156 -27.59 11.43 21.37
CA ALA B 156 -27.41 12.46 20.33
C ALA B 156 -27.33 13.85 20.93
N ILE B 157 -27.87 14.05 22.13
CA ILE B 157 -27.78 15.36 22.77
C ILE B 157 -26.55 15.49 23.66
N ALA B 158 -25.88 14.39 23.98
CA ALA B 158 -24.70 14.42 24.84
C ALA B 158 -23.38 14.24 24.11
N SER B 159 -23.31 13.34 23.12
CA SER B 159 -22.04 13.04 22.48
C SER B 159 -21.41 14.23 21.76
N PRO B 160 -22.12 15.02 20.94
CA PRO B 160 -21.45 16.12 20.24
C PRO B 160 -20.78 17.12 21.17
N THR B 161 -21.38 17.39 22.32
CA THR B 161 -20.84 18.38 23.24
C THR B 161 -19.52 17.95 23.85
N GLY B 162 -19.22 16.65 23.87
CA GLY B 162 -17.94 16.21 24.42
C GLY B 162 -16.75 16.69 23.62
N LEU B 163 -16.84 16.65 22.29
CA LEU B 163 -15.75 17.14 21.45
C LEU B 163 -15.60 18.65 21.56
N ALA B 164 -16.72 19.37 21.65
CA ALA B 164 -16.63 20.81 21.89
C ALA B 164 -15.97 21.10 23.23
N LEU B 165 -16.29 20.31 24.25
CA LEU B 165 -15.68 20.48 25.55
C LEU B 165 -14.18 20.23 25.50
N VAL B 166 -13.75 19.18 24.80
CA VAL B 166 -12.33 18.92 24.73
C VAL B 166 -11.62 19.99 23.91
N ALA B 167 -12.33 20.62 22.97
CA ALA B 167 -11.72 21.71 22.21
C ALA B 167 -11.59 22.98 23.05
N THR B 168 -12.60 23.29 23.86
CA THR B 168 -12.63 24.57 24.56
C THR B 168 -11.95 24.55 25.91
N THR B 169 -12.17 23.50 26.71
CA THR B 169 -11.67 23.49 28.08
C THR B 169 -10.15 23.57 28.12
N PHE B 170 -9.48 22.80 27.25
CA PHE B 170 -8.03 22.79 27.22
C PHE B 170 -7.53 23.52 25.99
N PRO B 171 -6.63 24.49 26.14
CA PRO B 171 -6.10 25.20 24.98
C PRO B 171 -5.17 24.31 24.17
N LYS B 172 -4.79 24.82 22.99
CA LYS B 172 -3.86 24.10 22.15
C LYS B 172 -2.52 23.92 22.85
N GLY B 173 -1.97 22.71 22.77
CA GLY B 173 -0.75 22.38 23.46
C GLY B 173 -0.73 20.95 23.94
N PRO B 174 0.19 20.63 24.86
CA PRO B 174 0.26 19.26 25.38
C PRO B 174 -1.03 18.80 26.06
N ALA B 175 -1.72 19.72 26.75
CA ALA B 175 -2.95 19.34 27.43
C ALA B 175 -4.00 18.86 26.45
N ARG B 176 -4.15 19.55 25.32
CA ARG B 176 -5.12 19.12 24.32
C ARG B 176 -4.72 17.77 23.73
N ASN B 177 -3.42 17.54 23.55
CA ASN B 177 -2.95 16.26 23.01
C ASN B 177 -3.31 15.12 23.96
N ALA B 178 -3.03 15.30 25.25
CA ALA B 178 -3.36 14.25 26.22
C ALA B 178 -4.87 14.04 26.30
N ALA B 179 -5.64 15.13 26.26
CA ALA B 179 -7.09 15.00 26.31
C ALA B 179 -7.63 14.24 25.11
N THR B 180 -7.09 14.50 23.92
CA THR B 180 -7.51 13.77 22.74
C THR B 180 -7.15 12.31 22.84
N ALA B 181 -5.96 12.00 23.37
CA ALA B 181 -5.58 10.60 23.54
C ALA B 181 -6.55 9.88 24.48
N VAL B 182 -6.89 10.51 25.60
CA VAL B 182 -7.83 9.89 26.54
C VAL B 182 -9.22 9.72 25.90
N PHE B 183 -9.66 10.74 25.17
CA PHE B 183 -10.95 10.67 24.50
C PHE B 183 -11.01 9.52 23.51
N ALA B 184 -9.93 9.29 22.78
CA ALA B 184 -9.88 8.16 21.86
C ALA B 184 -9.86 6.83 22.61
N ALA B 185 -9.09 6.75 23.69
CA ALA B 185 -8.92 5.48 24.39
C ALA B 185 -10.20 5.02 25.08
N MET B 186 -11.01 5.99 25.57
CA MET B 186 -12.23 5.62 26.29
C MET B 186 -13.18 4.79 25.43
N THR B 187 -13.25 5.07 24.13
CA THR B 187 -14.18 4.36 23.26
C THR B 187 -13.83 2.87 23.19
N ALA B 188 -12.54 2.57 22.94
CA ALA B 188 -12.12 1.17 22.87
C ALA B 188 -12.27 0.48 24.22
N ILE B 189 -11.91 1.17 25.30
CA ILE B 189 -12.05 0.57 26.63
C ILE B 189 -13.50 0.22 26.90
N GLY B 190 -14.41 1.13 26.59
CA GLY B 190 -15.82 0.87 26.78
C GLY B 190 -16.32 -0.28 25.93
N SER B 191 -15.87 -0.35 24.67
CA SER B 191 -16.31 -1.43 23.79
C SER B 191 -15.91 -2.78 24.35
N VAL B 192 -14.64 -2.93 24.73
CA VAL B 192 -14.17 -4.23 25.22
C VAL B 192 -14.83 -4.58 26.55
N MET B 193 -14.95 -3.59 27.46
CA MET B 193 -15.58 -3.86 28.75
C MET B 193 -17.04 -4.27 28.56
N GLY B 194 -17.76 -3.59 27.66
CA GLY B 194 -19.13 -3.97 27.41
C GLY B 194 -19.26 -5.36 26.82
N LEU B 195 -18.37 -5.72 25.90
CA LEU B 195 -18.38 -7.07 25.36
C LEU B 195 -18.17 -8.10 26.46
N VAL B 196 -17.19 -7.86 27.34
CA VAL B 196 -16.89 -8.80 28.42
C VAL B 196 -18.10 -8.95 29.35
N VAL B 197 -18.68 -7.82 29.78
CA VAL B 197 -19.75 -7.90 30.76
C VAL B 197 -21.01 -8.50 30.13
N GLY B 198 -21.28 -8.18 28.87
CA GLY B 198 -22.43 -8.78 28.19
C GLY B 198 -22.28 -10.27 28.03
N GLY B 199 -21.07 -10.73 27.70
CA GLY B 199 -20.83 -12.16 27.66
C GLY B 199 -20.99 -12.81 29.02
N ALA B 200 -20.49 -12.15 30.07
CA ALA B 200 -20.57 -12.73 31.41
C ALA B 200 -22.02 -12.84 31.88
N LEU B 201 -22.84 -11.84 31.59
CA LEU B 201 -24.21 -11.81 32.08
C LEU B 201 -25.19 -12.51 31.15
N THR B 202 -24.72 -13.45 30.34
CA THR B 202 -25.59 -14.18 29.42
C THR B 202 -26.25 -15.39 30.09
N GLU B 203 -25.93 -15.67 31.36
CA GLU B 203 -26.44 -16.86 32.02
C GLU B 203 -27.70 -16.61 32.83
N VAL B 204 -27.91 -15.39 33.32
CA VAL B 204 -29.03 -15.12 34.22
C VAL B 204 -30.21 -14.48 33.48
N SER B 205 -29.98 -13.33 32.87
CA SER B 205 -31.06 -12.57 32.24
C SER B 205 -30.45 -11.42 31.46
N TRP B 206 -31.20 -10.93 30.46
CA TRP B 206 -30.78 -9.77 29.69
C TRP B 206 -31.09 -8.46 30.40
N ARG B 207 -32.04 -8.47 31.34
CA ARG B 207 -32.39 -7.23 32.04
C ARG B 207 -31.23 -6.71 32.88
N TRP B 208 -30.51 -7.61 33.55
CA TRP B 208 -29.42 -7.20 34.41
C TRP B 208 -28.30 -6.52 33.64
N ALA B 209 -28.22 -6.73 32.33
CA ALA B 209 -27.14 -6.15 31.54
C ALA B 209 -27.31 -4.64 31.37
N PHE B 210 -28.55 -4.16 31.26
CA PHE B 210 -28.77 -2.74 31.05
C PHE B 210 -28.49 -1.94 32.31
N LEU B 211 -28.80 -2.50 33.48
CA LEU B 211 -28.55 -1.80 34.74
C LEU B 211 -27.08 -1.51 34.95
N VAL B 212 -26.18 -2.25 34.29
CA VAL B 212 -24.75 -1.98 34.42
C VAL B 212 -24.42 -0.60 33.89
N ASN B 213 -25.25 -0.06 32.98
CA ASN B 213 -25.03 1.29 32.49
C ASN B 213 -25.37 2.35 33.51
N VAL B 214 -26.04 2.00 34.60
CA VAL B 214 -26.49 2.97 35.60
C VAL B 214 -25.31 3.47 36.45
N PRO B 215 -24.56 2.60 37.15
CA PRO B 215 -23.55 3.12 38.09
C PRO B 215 -22.49 3.99 37.43
N ILE B 216 -21.82 3.47 36.40
CA ILE B 216 -20.74 4.19 35.76
C ILE B 216 -21.21 5.57 35.30
N GLY B 217 -22.38 5.61 34.65
CA GLY B 217 -22.92 6.88 34.21
C GLY B 217 -23.06 7.86 35.36
N LEU B 218 -23.60 7.38 36.50
CA LEU B 218 -23.71 8.25 37.67
C LEU B 218 -22.35 8.82 38.05
N VAL B 219 -21.31 7.98 38.02
CA VAL B 219 -19.97 8.47 38.32
C VAL B 219 -19.62 9.63 37.42
N MET B 220 -19.89 9.47 36.11
CA MET B 220 -19.61 10.56 35.17
C MET B 220 -20.34 11.83 35.60
N ILE B 221 -21.60 11.71 35.99
CA ILE B 221 -22.37 12.87 36.44
C ILE B 221 -21.61 13.57 37.56
N TYR B 222 -21.14 12.79 38.54
CA TYR B 222 -20.38 13.38 39.64
C TYR B 222 -19.20 14.18 39.11
N LEU B 223 -18.40 13.55 38.23
CA LEU B 223 -17.27 14.28 37.66
C LEU B 223 -17.75 15.48 36.86
N ALA B 224 -18.85 15.31 36.11
CA ALA B 224 -19.36 16.41 35.31
C ALA B 224 -19.78 17.59 36.18
N ARG B 225 -20.04 17.35 37.46
CA ARG B 225 -20.45 18.43 38.35
C ARG B 225 -19.27 19.20 38.93
N THR B 226 -18.05 18.69 38.80
CA THR B 226 -16.90 19.29 39.49
C THR B 226 -15.89 19.91 38.55
N ALA B 227 -15.34 19.15 37.61
CA ALA B 227 -14.24 19.64 36.79
C ALA B 227 -14.70 20.67 35.77
N LEU B 228 -15.81 20.40 35.09
CA LEU B 228 -16.25 21.27 34.00
C LEU B 228 -16.80 22.58 34.54
N ARG B 229 -16.38 23.69 33.93
CA ARG B 229 -16.75 25.02 34.38
C ARG B 229 -17.52 25.75 33.27
N GLU B 230 -17.99 26.95 33.59
CA GLU B 230 -18.77 27.78 32.68
C GLU B 230 -18.12 29.14 32.55
N THR B 231 -18.10 29.67 31.32
CA THR B 231 -17.42 30.93 31.02
C THR B 231 -18.32 32.14 31.16
N ASN B 232 -19.61 31.97 31.41
CA ASN B 232 -20.57 33.07 31.53
C ASN B 232 -20.62 33.92 30.26
N LYS B 233 -20.35 33.30 29.11
CA LYS B 233 -20.37 34.02 27.85
C LYS B 233 -21.81 34.33 27.43
N GLU B 234 -21.94 35.26 26.50
CA GLU B 234 -23.25 35.65 26.01
C GLU B 234 -23.93 34.48 25.29
N ARG B 235 -25.22 34.30 25.54
CA ARG B 235 -25.96 33.18 24.99
C ARG B 235 -26.41 33.48 23.57
N MET B 236 -26.08 32.59 22.64
CA MET B 236 -26.45 32.75 21.25
C MET B 236 -27.87 32.22 21.03
N LYS B 237 -28.35 32.34 19.80
CA LYS B 237 -29.69 31.91 19.43
C LYS B 237 -29.64 30.65 18.57
N LEU B 238 -30.80 30.20 18.14
CA LEU B 238 -30.94 28.98 17.36
C LEU B 238 -31.75 29.26 16.10
N ASP B 239 -31.36 28.59 15.00
CA ASP B 239 -32.10 28.67 13.74
C ASP B 239 -33.09 27.51 13.71
N ALA B 240 -34.32 27.81 14.13
CA ALA B 240 -35.32 26.75 14.29
C ALA B 240 -35.63 26.06 12.97
N THR B 241 -35.79 26.85 11.90
CA THR B 241 -36.14 26.26 10.60
C THR B 241 -35.04 25.33 10.11
N GLY B 242 -33.79 25.79 10.16
CA GLY B 242 -32.69 24.96 9.70
C GLY B 242 -32.50 23.71 10.55
N ALA B 243 -32.61 23.85 11.87
CA ALA B 243 -32.48 22.69 12.75
C ALA B 243 -33.57 21.68 12.49
N ILE B 244 -34.82 22.14 12.32
CA ILE B 244 -35.92 21.24 12.06
C ILE B 244 -35.73 20.53 10.73
N LEU B 245 -35.30 21.28 9.70
CA LEU B 245 -35.08 20.66 8.39
C LEU B 245 -33.98 19.62 8.46
N ALA B 246 -32.88 19.92 9.16
CA ALA B 246 -31.78 18.97 9.28
C ALA B 246 -32.22 17.71 10.02
N THR B 247 -32.97 17.88 11.12
CA THR B 247 -33.46 16.72 11.86
C THR B 247 -34.36 15.86 10.99
N LEU B 248 -35.28 16.49 10.25
CA LEU B 248 -36.19 15.74 9.39
C LEU B 248 -35.43 14.98 8.32
N ALA B 249 -34.47 15.64 7.68
CA ALA B 249 -33.71 14.99 6.61
C ALA B 249 -32.93 13.80 7.15
N CYS B 250 -32.24 13.99 8.29
CA CYS B 250 -31.43 12.91 8.85
C CYS B 250 -32.30 11.73 9.27
N THR B 251 -33.42 12.01 9.95
CA THR B 251 -34.29 10.93 10.38
C THR B 251 -34.86 10.17 9.19
N ALA B 252 -35.29 10.89 8.15
CA ALA B 252 -35.84 10.23 6.97
C ALA B 252 -34.78 9.37 6.30
N ALA B 253 -33.56 9.89 6.16
CA ALA B 253 -32.50 9.11 5.52
C ALA B 253 -32.18 7.85 6.30
N VAL B 254 -32.08 7.97 7.63
CA VAL B 254 -31.77 6.80 8.45
C VAL B 254 -32.90 5.78 8.36
N PHE B 255 -34.15 6.22 8.43
CA PHE B 255 -35.27 5.30 8.32
C PHE B 255 -35.28 4.60 6.97
N ALA B 256 -35.02 5.33 5.89
CA ALA B 256 -34.99 4.72 4.56
C ALA B 256 -33.89 3.68 4.47
N PHE B 257 -32.70 4.02 4.96
CA PHE B 257 -31.57 3.10 4.88
C PHE B 257 -31.85 1.83 5.69
N SER B 258 -32.46 1.98 6.86
CA SER B 258 -32.75 0.81 7.69
C SER B 258 -33.85 -0.05 7.07
N ILE B 259 -34.88 0.57 6.50
CA ILE B 259 -36.04 -0.17 6.03
C ILE B 259 -35.92 -0.67 4.59
N GLY B 260 -34.91 -0.22 3.84
CA GLY B 260 -34.73 -0.65 2.48
C GLY B 260 -34.62 -2.15 2.30
N PRO B 261 -33.51 -2.73 2.76
CA PRO B 261 -33.33 -4.18 2.60
C PRO B 261 -34.38 -5.02 3.32
N GLU B 262 -34.88 -4.55 4.46
CA GLU B 262 -35.81 -5.37 5.25
C GLU B 262 -37.14 -5.55 4.51
N LYS B 263 -37.74 -4.46 4.06
CA LYS B 263 -39.06 -4.49 3.43
C LYS B 263 -38.99 -4.43 1.92
N GLY B 264 -37.80 -4.54 1.33
CA GLY B 264 -37.67 -4.49 -0.11
C GLY B 264 -37.42 -3.08 -0.62
N TRP B 265 -36.67 -2.97 -1.71
CA TRP B 265 -36.36 -1.66 -2.27
C TRP B 265 -37.50 -1.17 -3.15
N MET B 266 -37.52 0.15 -3.36
CA MET B 266 -38.54 0.85 -4.16
C MET B 266 -39.95 0.35 -3.84
N SER B 267 -40.22 0.19 -2.54
CA SER B 267 -41.49 -0.32 -2.05
C SER B 267 -42.44 0.81 -1.65
N GLY B 268 -42.36 1.95 -2.32
CA GLY B 268 -43.23 3.08 -2.01
C GLY B 268 -42.77 3.85 -0.79
N ILE B 269 -42.71 3.17 0.36
CA ILE B 269 -42.23 3.82 1.58
C ILE B 269 -40.77 4.21 1.43
N THR B 270 -39.96 3.34 0.82
CA THR B 270 -38.54 3.62 0.66
C THR B 270 -38.32 4.85 -0.21
N ILE B 271 -38.92 4.87 -1.40
CA ILE B 271 -38.74 6.00 -2.31
C ILE B 271 -39.37 7.25 -1.74
N GLY B 272 -40.50 7.12 -1.03
CA GLY B 272 -41.12 8.28 -0.42
C GLY B 272 -40.23 8.91 0.64
N SER B 273 -39.64 8.07 1.49
CA SER B 273 -38.72 8.57 2.51
C SER B 273 -37.48 9.19 1.87
N GLY B 274 -36.97 8.58 0.81
CA GLY B 274 -35.85 9.18 0.10
C GLY B 274 -36.18 10.54 -0.47
N LEU B 275 -37.37 10.67 -1.08
CA LEU B 275 -37.80 11.96 -1.61
C LEU B 275 -37.96 12.99 -0.51
N VAL B 276 -38.53 12.57 0.63
CA VAL B 276 -38.68 13.48 1.76
C VAL B 276 -37.31 13.96 2.24
N ALA B 277 -36.35 13.04 2.34
CA ALA B 277 -35.01 13.43 2.77
C ALA B 277 -34.36 14.38 1.79
N LEU B 278 -34.50 14.11 0.49
CA LEU B 278 -33.91 15.00 -0.51
C LEU B 278 -34.55 16.39 -0.45
N ALA B 279 -35.87 16.46 -0.33
CA ALA B 279 -36.53 17.75 -0.24
C ALA B 279 -36.12 18.51 1.01
N ALA B 280 -36.03 17.81 2.14
CA ALA B 280 -35.61 18.46 3.38
C ALA B 280 -34.18 18.97 3.29
N ALA B 281 -33.29 18.19 2.69
CA ALA B 281 -31.90 18.64 2.52
C ALA B 281 -31.83 19.85 1.61
N VAL B 282 -32.60 19.84 0.51
CA VAL B 282 -32.61 20.98 -0.40
C VAL B 282 -33.11 22.23 0.30
N ALA B 283 -34.20 22.09 1.07
CA ALA B 283 -34.74 23.23 1.81
C ALA B 283 -33.73 23.73 2.84
N PHE B 284 -33.03 22.82 3.51
CA PHE B 284 -32.02 23.22 4.48
C PHE B 284 -30.89 23.99 3.82
N VAL B 285 -30.43 23.51 2.66
CA VAL B 285 -29.37 24.20 1.93
C VAL B 285 -29.82 25.58 1.51
N ILE B 286 -31.07 25.69 1.03
CA ILE B 286 -31.60 26.98 0.61
C ILE B 286 -31.67 27.94 1.80
N VAL B 287 -32.17 27.45 2.94
CA VAL B 287 -32.35 28.32 4.10
C VAL B 287 -31.01 28.77 4.66
N GLU B 288 -30.02 27.88 4.70
CA GLU B 288 -28.74 28.21 5.33
C GLU B 288 -27.94 29.23 4.55
N ARG B 289 -28.37 29.58 3.33
CA ARG B 289 -27.61 30.54 2.53
C ARG B 289 -27.55 31.91 3.19
N THR B 290 -28.63 32.33 3.85
CA THR B 290 -28.68 33.67 4.43
C THR B 290 -29.25 33.65 5.85
N ALA B 291 -28.95 32.61 6.63
CA ALA B 291 -29.43 32.49 7.99
C ALA B 291 -28.30 32.76 8.96
N GLU B 292 -28.54 33.67 9.91
CA GLU B 292 -27.55 33.96 10.94
C GLU B 292 -27.39 32.75 11.86
N ASN B 293 -26.14 32.49 12.26
CA ASN B 293 -25.76 31.36 13.10
C ASN B 293 -26.23 30.05 12.48
N PRO B 294 -25.65 29.63 11.35
CA PRO B 294 -26.14 28.43 10.67
C PRO B 294 -25.97 27.18 11.51
N VAL B 295 -26.85 26.22 11.30
CA VAL B 295 -26.70 24.91 11.92
C VAL B 295 -25.43 24.23 11.40
N VAL B 296 -25.19 24.31 10.09
CA VAL B 296 -23.98 23.79 9.47
C VAL B 296 -23.42 24.85 8.53
N PRO B 297 -22.26 25.45 8.83
CA PRO B 297 -21.68 26.47 7.95
C PRO B 297 -20.98 25.81 6.76
N PHE B 298 -21.52 26.02 5.57
CA PHE B 298 -20.95 25.42 4.36
C PHE B 298 -19.66 26.10 3.93
N HIS B 299 -19.53 27.41 4.20
CA HIS B 299 -18.36 28.14 3.75
C HIS B 299 -17.07 27.63 4.38
N LEU B 300 -17.17 26.84 5.46
CA LEU B 300 -15.98 26.24 6.03
C LEU B 300 -15.34 25.25 5.07
N PHE B 301 -16.16 24.52 4.32
CA PHE B 301 -15.66 23.41 3.51
C PHE B 301 -14.93 23.86 2.25
N ARG B 302 -14.58 25.14 2.13
CA ARG B 302 -13.81 25.59 0.98
C ARG B 302 -12.35 25.18 1.08
N ASP B 303 -11.79 25.14 2.28
CA ASP B 303 -10.39 24.78 2.45
C ASP B 303 -10.17 23.31 2.09
N ARG B 304 -9.09 23.04 1.34
CA ARG B 304 -8.83 21.68 0.89
C ARG B 304 -8.30 20.81 2.02
N ASN B 305 -7.56 21.40 2.96
CA ASN B 305 -7.06 20.65 4.11
C ASN B 305 -8.21 20.02 4.88
N ARG B 306 -9.25 20.81 5.16
CA ARG B 306 -10.36 20.32 5.97
C ARG B 306 -11.21 19.31 5.21
N LEU B 307 -11.40 19.52 3.91
CA LEU B 307 -12.12 18.53 3.11
C LEU B 307 -11.40 17.19 3.11
N VAL B 308 -10.08 17.23 2.92
CA VAL B 308 -9.30 16.00 2.93
C VAL B 308 -9.37 15.32 4.30
N THR B 309 -9.25 16.12 5.37
CA THR B 309 -9.30 15.54 6.70
C THR B 309 -10.65 14.89 6.99
N PHE B 310 -11.74 15.54 6.59
CA PHE B 310 -13.07 15.00 6.87
C PHE B 310 -13.35 13.74 6.04
N SER B 311 -12.92 13.74 4.77
CA SER B 311 -13.09 12.54 3.96
C SER B 311 -12.27 11.38 4.54
N ALA B 312 -11.06 11.67 5.02
CA ALA B 312 -10.27 10.65 5.68
C ALA B 312 -10.96 10.14 6.93
N ILE B 313 -11.60 11.04 7.69
CA ILE B 313 -12.33 10.62 8.89
C ILE B 313 -13.44 9.67 8.51
N LEU B 314 -14.22 10.00 7.48
CA LEU B 314 -15.30 9.14 7.04
C LEU B 314 -14.79 7.76 6.66
N LEU B 315 -13.77 7.70 5.80
CA LEU B 315 -13.27 6.41 5.33
C LEU B 315 -12.66 5.61 6.47
N ALA B 316 -11.90 6.25 7.35
CA ALA B 316 -11.27 5.54 8.46
C ALA B 316 -12.31 4.99 9.42
N GLY B 317 -13.35 5.77 9.71
CA GLY B 317 -14.41 5.25 10.56
C GLY B 317 -15.10 4.05 9.95
N GLY B 318 -15.38 4.12 8.65
CA GLY B 318 -15.96 2.96 7.97
C GLY B 318 -15.08 1.73 8.06
N VAL B 319 -13.78 1.91 7.82
CA VAL B 319 -12.86 0.79 7.84
C VAL B 319 -12.79 0.19 9.24
N MET B 320 -12.70 1.03 10.27
CA MET B 320 -12.61 0.52 11.64
C MET B 320 -13.88 -0.23 12.04
N PHE B 321 -15.05 0.31 11.70
CA PHE B 321 -16.30 -0.36 12.02
C PHE B 321 -16.40 -1.71 11.31
N SER B 322 -16.04 -1.74 10.03
CA SER B 322 -16.07 -2.99 9.29
C SER B 322 -15.10 -4.00 9.89
N LEU B 323 -13.90 -3.55 10.28
CA LEU B 323 -12.93 -4.45 10.87
C LEU B 323 -13.45 -5.06 12.17
N THR B 324 -14.00 -4.24 13.06
CA THR B 324 -14.44 -4.78 14.34
C THR B 324 -15.63 -5.72 14.15
N VAL B 325 -16.56 -5.38 13.25
CA VAL B 325 -17.70 -6.27 13.02
C VAL B 325 -17.24 -7.61 12.44
N CYS B 326 -16.37 -7.55 11.44
CA CYS B 326 -15.90 -8.78 10.80
C CYS B 326 -15.11 -9.66 11.76
N ILE B 327 -14.23 -9.05 12.56
CA ILE B 327 -13.42 -9.85 13.48
C ILE B 327 -14.31 -10.45 14.56
N GLY B 328 -15.31 -9.71 15.03
CA GLY B 328 -16.23 -10.29 16.00
C GLY B 328 -16.98 -11.48 15.43
N LEU B 329 -17.51 -11.33 14.23
CA LEU B 329 -18.26 -12.42 13.60
C LEU B 329 -17.36 -13.64 13.38
N TYR B 330 -16.14 -13.43 12.89
CA TYR B 330 -15.23 -14.53 12.63
C TYR B 330 -14.84 -15.25 13.92
N VAL B 331 -14.55 -14.49 14.98
CA VAL B 331 -14.08 -15.11 16.23
C VAL B 331 -15.22 -15.84 16.92
N GLN B 332 -16.43 -15.28 16.90
CA GLN B 332 -17.54 -15.89 17.61
C GLN B 332 -18.33 -16.89 16.77
N ASP B 333 -18.03 -17.02 15.48
CA ASP B 333 -18.75 -17.95 14.63
C ASP B 333 -17.88 -19.08 14.11
N ILE B 334 -16.72 -18.77 13.53
CA ILE B 334 -15.90 -19.79 12.89
C ILE B 334 -15.14 -20.61 13.92
N LEU B 335 -14.31 -19.94 14.73
CA LEU B 335 -13.50 -20.68 15.69
C LEU B 335 -14.31 -21.25 16.84
N GLY B 336 -15.56 -20.84 17.00
CA GLY B 336 -16.40 -21.37 18.06
C GLY B 336 -16.11 -20.82 19.43
N TYR B 337 -15.35 -19.74 19.54
CA TYR B 337 -15.08 -19.15 20.83
C TYR B 337 -16.36 -18.57 21.43
N SER B 338 -16.45 -18.65 22.75
CA SER B 338 -17.60 -18.10 23.46
C SER B 338 -17.47 -16.59 23.59
N ALA B 339 -18.49 -15.95 24.17
CA ALA B 339 -18.46 -14.50 24.35
C ALA B 339 -17.42 -14.08 25.37
N LEU B 340 -17.24 -14.87 26.43
CA LEU B 340 -16.25 -14.54 27.46
C LEU B 340 -14.84 -14.54 26.88
N ARG B 341 -14.48 -15.60 26.15
CA ARG B 341 -13.15 -15.70 25.58
C ARG B 341 -12.93 -14.63 24.51
N ALA B 342 -13.95 -14.35 23.71
CA ALA B 342 -13.83 -13.30 22.72
C ALA B 342 -13.61 -11.94 23.38
N GLY B 343 -14.32 -11.68 24.48
CA GLY B 343 -14.13 -10.43 25.19
C GLY B 343 -12.76 -10.30 25.82
N VAL B 344 -12.28 -11.38 26.46
CA VAL B 344 -10.98 -11.29 27.12
C VAL B 344 -9.83 -11.36 26.14
N GLY B 345 -10.07 -11.80 24.90
CA GLY B 345 -9.03 -11.82 23.89
C GLY B 345 -8.69 -10.48 23.30
N PHE B 346 -9.49 -9.45 23.57
CA PHE B 346 -9.26 -8.12 23.03
C PHE B 346 -8.61 -7.17 24.02
N ILE B 347 -8.26 -7.65 25.21
CA ILE B 347 -7.46 -6.83 26.13
C ILE B 347 -6.11 -6.45 25.52
N PRO B 348 -5.38 -7.34 24.83
CA PRO B 348 -4.17 -6.87 24.13
C PRO B 348 -4.45 -5.74 23.16
N PHE B 349 -5.61 -5.74 22.51
CA PHE B 349 -5.96 -4.64 21.62
C PHE B 349 -6.06 -3.33 22.40
N VAL B 350 -6.68 -3.36 23.58
CA VAL B 350 -6.81 -2.15 24.40
C VAL B 350 -5.44 -1.65 24.81
N ILE B 351 -4.58 -2.55 25.28
CA ILE B 351 -3.25 -2.14 25.73
C ILE B 351 -2.45 -1.55 24.58
N ALA B 352 -2.48 -2.22 23.43
CA ALA B 352 -1.72 -1.74 22.28
C ALA B 352 -2.24 -0.40 21.79
N MET B 353 -3.56 -0.22 21.75
CA MET B 353 -4.11 1.04 21.30
C MET B 353 -3.78 2.16 22.27
N GLY B 354 -3.78 1.88 23.57
CA GLY B 354 -3.37 2.89 24.53
C GLY B 354 -1.92 3.29 24.34
N ILE B 355 -1.03 2.31 24.13
CA ILE B 355 0.37 2.62 23.90
C ILE B 355 0.53 3.47 22.64
N GLY B 356 -0.17 3.09 21.57
CA GLY B 356 -0.08 3.85 20.33
C GLY B 356 -0.59 5.27 20.48
N LEU B 357 -1.71 5.44 21.21
CA LEU B 357 -2.24 6.79 21.43
C LEU B 357 -1.28 7.64 22.24
N GLY B 358 -0.67 7.06 23.27
CA GLY B 358 0.32 7.80 24.03
C GLY B 358 1.51 8.22 23.20
N VAL B 359 2.02 7.30 22.37
CA VAL B 359 3.16 7.60 21.52
C VAL B 359 2.80 8.70 20.51
N SER B 360 1.60 8.62 19.92
CA SER B 360 1.17 9.64 18.98
C SER B 360 1.02 10.99 19.66
N SER B 361 0.48 11.01 20.87
CA SER B 361 0.35 12.27 21.61
C SER B 361 1.71 12.86 21.89
N GLN B 362 2.68 12.03 22.27
CA GLN B 362 4.03 12.53 22.53
C GLN B 362 4.68 13.06 21.27
N LEU B 363 4.51 12.37 20.14
CA LEU B 363 5.26 12.69 18.93
C LEU B 363 4.54 13.67 18.00
N VAL B 364 3.31 14.06 18.30
CA VAL B 364 2.60 15.00 17.43
C VAL B 364 3.17 16.41 17.54
N SER B 365 3.99 16.69 18.54
CA SER B 365 4.53 18.03 18.76
C SER B 365 5.71 18.35 17.84
N ARG B 366 6.20 17.38 17.07
CA ARG B 366 7.32 17.61 16.18
C ARG B 366 7.14 17.06 14.77
N PHE B 367 6.23 16.11 14.56
CA PHE B 367 6.08 15.45 13.27
C PHE B 367 4.72 15.76 12.67
N SER B 368 4.69 15.93 11.34
CA SER B 368 3.48 16.34 10.67
C SER B 368 2.42 15.24 10.76
N PRO B 369 1.13 15.61 10.76
CA PRO B 369 0.08 14.60 10.92
C PRO B 369 0.07 13.53 9.84
N ARG B 370 0.41 13.88 8.59
CA ARG B 370 0.40 12.89 7.53
C ARG B 370 1.45 11.81 7.77
N VAL B 371 2.60 12.18 8.32
CA VAL B 371 3.64 11.19 8.59
C VAL B 371 3.15 10.17 9.61
N LEU B 372 2.54 10.63 10.69
CA LEU B 372 2.04 9.70 11.70
C LEU B 372 0.87 8.86 11.17
N THR B 373 0.01 9.47 10.35
CA THR B 373 -1.10 8.73 9.77
C THR B 373 -0.58 7.58 8.91
N ILE B 374 0.36 7.86 8.03
CA ILE B 374 0.91 6.81 7.16
C ILE B 374 1.69 5.79 8.00
N GLY B 375 2.38 6.25 9.05
CA GLY B 375 3.11 5.32 9.90
C GLY B 375 2.21 4.31 10.58
N GLY B 376 1.07 4.78 11.10
CA GLY B 376 0.11 3.84 11.68
C GLY B 376 -0.53 2.94 10.64
N GLY B 377 -0.86 3.51 9.48
CA GLY B 377 -1.44 2.71 8.41
C GLY B 377 -0.51 1.60 7.94
N TYR B 378 0.80 1.83 8.02
CA TYR B 378 1.76 0.79 7.62
C TYR B 378 1.56 -0.47 8.45
N LEU B 379 1.55 -0.35 9.77
CA LEU B 379 1.30 -1.50 10.64
C LEU B 379 -0.10 -2.06 10.52
N LEU B 380 -1.11 -1.20 10.35
CA LEU B 380 -2.46 -1.72 10.14
C LEU B 380 -2.57 -2.58 8.89
N PHE B 381 -1.99 -2.13 7.78
CA PHE B 381 -1.98 -2.87 6.54
C PHE B 381 -1.12 -4.12 6.60
N GLY B 382 -0.05 -4.12 7.40
CA GLY B 382 0.69 -5.33 7.64
C GLY B 382 -0.13 -6.38 8.37
N ALA B 383 -0.84 -5.95 9.41
CA ALA B 383 -1.68 -6.87 10.17
C ALA B 383 -2.81 -7.42 9.32
N MET B 384 -3.46 -6.57 8.51
CA MET B 384 -4.58 -7.03 7.70
C MET B 384 -4.15 -8.03 6.63
N LEU B 385 -2.87 -8.05 6.26
CA LEU B 385 -2.35 -9.04 5.32
C LEU B 385 -1.88 -10.32 6.00
N TYR B 386 -1.21 -10.18 7.14
CA TYR B 386 -0.83 -11.36 7.91
C TYR B 386 -2.06 -12.18 8.29
N GLY B 387 -3.12 -11.50 8.73
CA GLY B 387 -4.36 -12.20 9.02
C GLY B 387 -5.00 -12.79 7.78
N SER B 388 -4.89 -12.09 6.65
CA SER B 388 -5.52 -12.55 5.43
C SER B 388 -4.87 -13.82 4.89
N PHE B 389 -3.55 -13.98 5.07
CA PHE B 389 -2.88 -15.10 4.43
C PHE B 389 -2.73 -16.33 5.32
N PHE B 390 -2.62 -16.17 6.64
CA PHE B 390 -2.31 -17.28 7.53
C PHE B 390 -3.34 -17.39 8.65
N MET B 391 -4.62 -17.38 8.29
CA MET B 391 -5.68 -17.56 9.28
C MET B 391 -6.70 -18.55 8.73
N HIS B 392 -6.89 -19.66 9.46
CA HIS B 392 -7.92 -20.63 9.13
C HIS B 392 -8.32 -21.33 10.41
N ARG B 393 -9.47 -22.00 10.36
CA ARG B 393 -10.02 -22.65 11.54
C ARG B 393 -9.04 -23.70 12.07
N GLY B 394 -8.76 -23.63 13.36
CA GLY B 394 -7.85 -24.55 14.00
C GLY B 394 -6.44 -24.03 14.20
N VAL B 395 -6.29 -22.75 14.57
CA VAL B 395 -4.96 -22.19 14.80
C VAL B 395 -4.84 -21.78 16.26
N PRO B 396 -3.66 -21.91 16.87
CA PRO B 396 -3.49 -21.45 18.25
C PRO B 396 -3.60 -19.94 18.35
N TYR B 397 -4.08 -19.49 19.51
CA TYR B 397 -4.29 -18.06 19.71
C TYR B 397 -2.97 -17.31 19.82
N PHE B 398 -2.07 -17.80 20.67
CA PHE B 398 -0.87 -17.02 21.02
C PHE B 398 0.04 -16.71 19.84
N PRO B 399 0.46 -17.66 19.01
CA PRO B 399 1.42 -17.33 17.95
C PRO B 399 0.82 -16.87 16.63
N ASN B 400 -0.51 -16.85 16.51
CA ASN B 400 -1.13 -16.53 15.23
C ASN B 400 -2.19 -15.44 15.29
N LEU B 401 -2.95 -15.32 16.38
CA LEU B 401 -4.08 -14.39 16.41
C LEU B 401 -3.83 -13.12 17.20
N VAL B 402 -2.99 -13.16 18.23
CA VAL B 402 -2.81 -11.98 19.07
C VAL B 402 -1.81 -10.99 18.48
N MET B 403 -0.81 -11.47 17.73
CA MET B 403 0.16 -10.56 17.14
C MET B 403 -0.47 -9.60 16.13
N PRO B 404 -1.31 -10.04 15.19
CA PRO B 404 -2.00 -9.05 14.34
C PRO B 404 -2.83 -8.07 15.14
N ILE B 405 -3.46 -8.52 16.23
CA ILE B 405 -4.26 -7.63 17.05
C ILE B 405 -3.39 -6.53 17.65
N VAL B 406 -2.23 -6.92 18.20
CA VAL B 406 -1.34 -5.94 18.82
C VAL B 406 -0.81 -4.96 17.78
N VAL B 407 -0.37 -5.48 16.62
CA VAL B 407 0.20 -4.60 15.61
C VAL B 407 -0.85 -3.61 15.10
N GLY B 408 -2.05 -4.11 14.80
CA GLY B 408 -3.11 -3.23 14.34
C GLY B 408 -3.53 -2.21 15.39
N GLY B 409 -3.57 -2.62 16.66
CA GLY B 409 -3.91 -1.69 17.71
C GLY B 409 -2.89 -0.58 17.85
N ILE B 410 -1.61 -0.92 17.75
CA ILE B 410 -0.56 0.08 17.82
C ILE B 410 -0.68 1.05 16.63
N GLY B 411 -0.91 0.51 15.44
CA GLY B 411 -1.07 1.36 14.27
C GLY B 411 -2.24 2.30 14.39
N ILE B 412 -3.38 1.79 14.87
CA ILE B 412 -4.55 2.63 15.07
C ILE B 412 -4.27 3.68 16.14
N GLY B 413 -3.48 3.32 17.14
CA GLY B 413 -3.10 4.28 18.17
C GLY B 413 -2.34 5.46 17.60
N MET B 414 -1.36 5.19 16.72
CA MET B 414 -0.70 6.35 16.09
C MET B 414 -1.63 7.08 15.13
N ALA B 415 -2.52 6.36 14.45
CA ALA B 415 -3.30 6.99 13.39
C ALA B 415 -4.43 7.89 13.89
N VAL B 416 -5.02 7.56 15.05
CA VAL B 416 -6.25 8.25 15.45
C VAL B 416 -5.98 9.70 15.84
N VAL B 417 -4.95 9.94 16.65
CA VAL B 417 -4.77 11.26 17.26
C VAL B 417 -4.58 12.38 16.24
N PRO B 418 -3.67 12.28 15.27
CA PRO B 418 -3.46 13.41 14.36
C PRO B 418 -4.70 13.82 13.59
N LEU B 419 -5.53 12.88 13.17
CA LEU B 419 -6.76 13.25 12.45
C LEU B 419 -7.70 14.02 13.35
N THR B 420 -7.87 13.60 14.60
CA THR B 420 -8.72 14.31 15.54
C THR B 420 -8.19 15.72 15.79
N LEU B 421 -6.88 15.86 15.97
CA LEU B 421 -6.31 17.19 16.18
C LEU B 421 -6.50 18.07 14.96
N SER B 422 -6.35 17.50 13.76
CA SER B 422 -6.50 18.29 12.55
C SER B 422 -7.95 18.70 12.31
N ALA B 423 -8.90 17.88 12.76
CA ALA B 423 -10.31 18.20 12.53
C ALA B 423 -10.72 19.47 13.28
N ILE B 424 -10.23 19.65 14.50
CA ILE B 424 -10.67 20.75 15.35
C ILE B 424 -9.58 21.81 15.48
N ALA B 425 -8.74 21.94 14.46
CA ALA B 425 -7.61 22.86 14.51
C ALA B 425 -7.98 24.20 13.89
N GLY B 426 -7.75 25.28 14.64
CA GLY B 426 -7.99 26.62 14.17
C GLY B 426 -9.43 26.89 13.78
N VAL B 427 -10.37 26.49 14.63
CA VAL B 427 -11.79 26.54 14.32
C VAL B 427 -12.47 27.77 14.94
N GLY B 428 -12.19 28.05 16.20
CA GLY B 428 -12.82 29.19 16.85
C GLY B 428 -14.04 28.79 17.66
N PHE B 429 -14.24 29.47 18.78
CA PHE B 429 -15.25 29.06 19.76
C PHE B 429 -16.64 29.05 19.17
N ASP B 430 -17.00 30.09 18.42
CA ASP B 430 -18.36 30.23 17.91
C ASP B 430 -18.67 29.26 16.78
N GLN B 431 -17.82 28.28 16.53
CA GLN B 431 -17.98 27.42 15.36
C GLN B 431 -17.55 25.97 15.65
N ILE B 432 -17.11 25.67 16.88
CA ILE B 432 -16.68 24.32 17.21
C ILE B 432 -17.85 23.34 17.17
N GLY B 433 -19.03 23.80 17.56
CA GLY B 433 -20.20 22.95 17.65
C GLY B 433 -20.50 22.16 16.40
N PRO B 434 -20.78 22.85 15.29
CA PRO B 434 -21.06 22.12 14.04
C PRO B 434 -19.91 21.27 13.56
N VAL B 435 -18.66 21.70 13.75
CA VAL B 435 -17.52 20.91 13.32
C VAL B 435 -17.47 19.59 14.07
N SER B 436 -17.64 19.64 15.40
CA SER B 436 -17.63 18.44 16.20
C SER B 436 -18.80 17.53 15.86
N ALA B 437 -19.99 18.12 15.65
CA ALA B 437 -21.15 17.33 15.27
C ALA B 437 -20.92 16.62 13.95
N ILE B 438 -20.34 17.32 12.98
CA ILE B 438 -20.08 16.70 11.68
C ILE B 438 -19.03 15.61 11.81
N ALA B 439 -18.03 15.81 12.67
CA ALA B 439 -17.01 14.79 12.87
C ALA B 439 -17.63 13.51 13.42
N LEU B 440 -18.44 13.63 14.47
CA LEU B 440 -19.09 12.43 15.02
C LEU B 440 -20.04 11.80 14.02
N MET B 441 -20.79 12.62 13.28
CA MET B 441 -21.70 12.09 12.27
C MET B 441 -20.96 11.30 11.21
N LEU B 442 -19.85 11.84 10.72
CA LEU B 442 -19.09 11.16 9.68
C LEU B 442 -18.48 9.86 10.21
N GLN B 443 -17.96 9.89 11.43
CA GLN B 443 -17.39 8.68 12.02
C GLN B 443 -18.44 7.58 12.16
N SER B 444 -19.64 7.95 12.62
CA SER B 444 -20.69 6.95 12.79
C SER B 444 -21.40 6.59 11.49
N LEU B 445 -21.22 7.39 10.44
CA LEU B 445 -21.91 7.16 9.18
C LEU B 445 -21.09 6.37 8.18
N GLY B 446 -19.76 6.47 8.24
CA GLY B 446 -18.94 5.74 7.30
C GLY B 446 -19.06 4.23 7.45
N GLY B 447 -19.42 3.77 8.64
CA GLY B 447 -19.45 2.36 8.96
C GLY B 447 -20.38 1.51 8.12
N PRO B 448 -21.69 1.80 8.20
CA PRO B 448 -22.68 0.92 7.55
C PRO B 448 -22.44 0.68 6.07
N LEU B 449 -22.02 1.69 5.31
CA LEU B 449 -21.83 1.50 3.87
C LEU B 449 -20.70 0.51 3.59
N VAL B 450 -19.55 0.72 4.21
CA VAL B 450 -18.40 -0.17 3.99
C VAL B 450 -18.72 -1.57 4.51
N LEU B 451 -19.41 -1.65 5.65
CA LEU B 451 -19.77 -2.96 6.19
C LEU B 451 -20.70 -3.70 5.24
N ALA B 452 -21.67 -2.99 4.67
CA ALA B 452 -22.59 -3.63 3.72
C ALA B 452 -21.84 -4.11 2.50
N VAL B 453 -20.89 -3.32 2.00
CA VAL B 453 -20.10 -3.74 0.85
C VAL B 453 -19.31 -5.00 1.17
N ILE B 454 -18.67 -5.03 2.34
CA ILE B 454 -17.85 -6.18 2.73
C ILE B 454 -18.73 -7.42 2.89
N GLN B 455 -19.89 -7.29 3.52
CA GLN B 455 -20.78 -8.44 3.67
C GLN B 455 -21.29 -8.93 2.33
N ALA B 456 -21.59 -8.01 1.41
CA ALA B 456 -22.01 -8.44 0.07
C ALA B 456 -20.90 -9.21 -0.62
N VAL B 457 -19.65 -8.73 -0.51
CA VAL B 457 -18.53 -9.43 -1.12
C VAL B 457 -18.36 -10.81 -0.50
N ILE B 458 -18.48 -10.90 0.83
CA ILE B 458 -18.31 -12.19 1.50
C ILE B 458 -19.40 -13.16 1.09
N THR B 459 -20.64 -12.69 0.99
CA THR B 459 -21.74 -13.56 0.58
C THR B 459 -21.53 -14.05 -0.86
N SER B 460 -21.13 -13.16 -1.75
CA SER B 460 -20.86 -13.57 -3.13
C SER B 460 -19.75 -14.60 -3.19
N ARG B 461 -18.68 -14.39 -2.42
CA ARG B 461 -17.58 -15.35 -2.40
C ARG B 461 -18.01 -16.69 -1.84
N THR B 462 -18.84 -16.68 -0.80
CA THR B 462 -19.33 -17.94 -0.24
C THR B 462 -20.18 -18.70 -1.25
N LEU B 463 -21.03 -17.98 -1.97
CA LEU B 463 -21.82 -18.62 -3.03
C LEU B 463 -20.91 -19.17 -4.12
N TYR B 464 -19.83 -18.46 -4.44
CA TYR B 464 -18.91 -18.93 -5.47
C TYR B 464 -18.15 -20.16 -5.04
N LEU B 465 -17.80 -20.27 -3.75
CA LEU B 465 -17.03 -21.41 -3.27
C LEU B 465 -17.85 -22.69 -3.13
N GLY B 466 -19.17 -22.58 -3.04
CA GLY B 466 -20.00 -23.77 -2.93
C GLY B 466 -20.57 -24.00 -1.54
N GLY B 467 -20.95 -22.92 -0.87
CA GLY B 467 -21.55 -22.98 0.45
C GLY B 467 -23.04 -22.73 0.42
N THR B 468 -23.56 -22.26 1.55
CA THR B 468 -24.98 -21.96 1.68
C THR B 468 -25.14 -20.69 2.50
N THR B 469 -26.24 -19.98 2.28
CA THR B 469 -26.53 -18.74 2.96
C THR B 469 -27.39 -18.95 4.22
N GLY B 470 -27.43 -20.16 4.74
CA GLY B 470 -28.24 -20.46 5.90
C GLY B 470 -27.58 -20.06 7.20
N PRO B 471 -28.01 -20.67 8.30
CA PRO B 471 -27.44 -20.32 9.61
C PRO B 471 -26.11 -21.01 9.83
N VAL B 472 -25.29 -20.38 10.67
CA VAL B 472 -23.96 -20.93 10.95
C VAL B 472 -24.07 -22.21 11.76
N LYS B 473 -25.05 -22.31 12.66
CA LYS B 473 -25.15 -23.45 13.57
C LYS B 473 -25.62 -24.72 12.88
N PHE B 474 -26.09 -24.65 11.64
CA PHE B 474 -26.57 -25.81 10.90
C PHE B 474 -25.69 -26.08 9.68
N MET B 475 -24.38 -25.99 9.85
CA MET B 475 -23.45 -26.00 8.72
C MET B 475 -22.54 -27.21 8.81
N ASN B 476 -22.15 -27.72 7.64
CA ASN B 476 -21.24 -28.86 7.56
C ASN B 476 -19.80 -28.36 7.47
N ASP B 477 -18.85 -29.29 7.30
CA ASP B 477 -17.44 -28.91 7.26
C ASP B 477 -17.10 -28.13 6.00
N VAL B 478 -17.66 -28.53 4.86
CA VAL B 478 -17.35 -27.85 3.60
C VAL B 478 -17.83 -26.40 3.65
N GLN B 479 -19.02 -26.18 4.19
CA GLN B 479 -19.52 -24.81 4.32
C GLN B 479 -18.68 -24.01 5.29
N LEU B 480 -18.19 -24.64 6.35
CA LEU B 480 -17.32 -23.94 7.29
C LEU B 480 -16.02 -23.50 6.62
N ALA B 481 -15.42 -24.39 5.82
CA ALA B 481 -14.22 -24.02 5.08
C ALA B 481 -14.50 -22.89 4.09
N ALA B 482 -15.65 -22.97 3.42
CA ALA B 482 -16.03 -21.91 2.48
C ALA B 482 -16.18 -20.57 3.19
N LEU B 483 -16.81 -20.56 4.37
CA LEU B 483 -16.97 -19.33 5.12
C LEU B 483 -15.62 -18.78 5.58
N ASP B 484 -14.72 -19.67 6.03
CA ASP B 484 -13.39 -19.22 6.44
C ASP B 484 -12.65 -18.56 5.29
N HIS B 485 -12.68 -19.19 4.12
CA HIS B 485 -12.01 -18.62 2.96
C HIS B 485 -12.66 -17.30 2.55
N ALA B 486 -13.98 -17.21 2.65
CA ALA B 486 -14.67 -15.97 2.29
C ALA B 486 -14.27 -14.83 3.22
N TYR B 487 -14.16 -15.10 4.52
CA TYR B 487 -13.74 -14.06 5.45
C TYR B 487 -12.31 -13.62 5.18
N THR B 488 -11.41 -14.58 4.96
CA THR B 488 -10.03 -14.20 4.64
C THR B 488 -9.97 -13.44 3.32
N TYR B 489 -10.91 -13.68 2.41
CA TYR B 489 -10.96 -12.92 1.16
C TYR B 489 -11.45 -11.50 1.39
N GLY B 490 -12.46 -11.33 2.25
CA GLY B 490 -12.96 -10.00 2.54
C GLY B 490 -11.97 -9.13 3.28
N LEU B 491 -11.09 -9.75 4.07
CA LEU B 491 -10.01 -8.97 4.67
C LEU B 491 -9.17 -8.27 3.62
N LEU B 492 -8.97 -8.91 2.46
CA LEU B 492 -8.22 -8.28 1.38
C LEU B 492 -8.92 -7.03 0.86
N TRP B 493 -10.24 -7.09 0.73
CA TRP B 493 -10.97 -5.89 0.31
C TRP B 493 -10.90 -4.79 1.35
N VAL B 494 -10.91 -5.16 2.63
CA VAL B 494 -10.75 -4.14 3.67
C VAL B 494 -9.38 -3.47 3.56
N ALA B 495 -8.33 -4.26 3.33
CA ALA B 495 -7.01 -3.68 3.13
C ALA B 495 -6.97 -2.79 1.88
N GLY B 496 -7.63 -3.21 0.81
CA GLY B 496 -7.72 -2.38 -0.37
C GLY B 496 -8.40 -1.05 -0.11
N ALA B 497 -9.44 -1.06 0.72
CA ALA B 497 -10.06 0.20 1.12
C ALA B 497 -9.08 1.05 1.93
N ALA B 498 -8.32 0.42 2.83
CA ALA B 498 -7.32 1.15 3.59
C ALA B 498 -6.28 1.80 2.69
N ILE B 499 -6.04 1.21 1.52
CA ILE B 499 -5.11 1.80 0.56
C ILE B 499 -5.55 3.22 0.20
N ILE B 500 -6.83 3.38 -0.18
CA ILE B 500 -7.35 4.70 -0.50
C ILE B 500 -7.39 5.57 0.76
N VAL B 501 -7.74 4.97 1.89
CA VAL B 501 -7.83 5.72 3.15
C VAL B 501 -6.50 6.42 3.43
N GLY B 502 -5.39 5.71 3.21
CA GLY B 502 -4.08 6.29 3.42
C GLY B 502 -3.61 7.20 2.30
N GLY B 503 -3.93 6.84 1.05
CA GLY B 503 -3.49 7.65 -0.07
C GLY B 503 -4.15 9.01 -0.12
N MET B 504 -5.35 9.12 0.44
CA MET B 504 -6.01 10.42 0.54
C MET B 504 -5.40 11.28 1.64
N ALA B 505 -4.69 10.66 2.58
CA ALA B 505 -4.08 11.37 3.70
C ALA B 505 -2.74 12.01 3.34
N LEU B 506 -2.27 11.87 2.11
CA LEU B 506 -1.04 12.51 1.67
C LEU B 506 -1.24 13.98 1.33
N PHE B 507 -2.47 14.47 1.33
CA PHE B 507 -2.80 15.83 0.94
C PHE B 507 -3.31 16.63 2.12
N ILE B 508 -2.76 16.38 3.31
CA ILE B 508 -3.22 17.06 4.51
C ILE B 508 -2.76 18.52 4.51
N GLY B 509 -1.46 18.73 4.52
CA GLY B 509 -0.89 20.06 4.47
C GLY B 509 -0.62 20.71 5.81
N TYR B 510 -1.22 20.21 6.88
CA TYR B 510 -1.00 20.78 8.20
C TYR B 510 0.44 20.54 8.65
N THR B 511 0.96 21.49 9.40
CA THR B 511 2.33 21.47 9.90
C THR B 511 2.33 21.25 11.40
N PRO B 512 3.43 20.74 11.97
CA PRO B 512 3.45 20.52 13.42
C PRO B 512 3.67 21.81 14.20
N GLN B 513 2.99 22.88 13.79
CA GLN B 513 3.00 24.13 14.52
C GLN B 513 1.63 24.80 14.54
N GLN B 514 0.62 24.17 13.95
CA GLN B 514 -0.74 24.65 14.00
C GLN B 514 -1.66 23.76 14.81
N VAL B 515 -1.19 22.58 15.21
CA VAL B 515 -2.01 21.62 15.93
C VAL B 515 -1.40 21.17 17.26
N ALA B 516 -0.12 21.44 17.51
CA ALA B 516 0.52 20.87 18.71
C ALA B 516 1.45 21.87 19.39
N HIS B 517 1.18 23.17 19.29
CA HIS B 517 1.89 24.17 20.07
C HIS B 517 0.90 25.19 20.65
N ALA B 518 1.33 25.83 21.73
CA ALA B 518 0.53 26.85 22.38
C ALA B 518 0.65 28.16 21.61
N GLN B 519 0.11 29.23 22.17
CA GLN B 519 0.17 30.55 21.53
C GLN B 519 0.78 31.58 22.47
C02 A1AQR C . 3.73 -5.02 -2.92
C03 A1AQR C . 2.60 -4.13 -2.55
C04 A1AQR C . 2.33 -3.65 -1.13
C05 A1AQR C . 3.26 -4.13 -0.04
C06 A1AQR C . 1.83 -2.24 -0.92
C07 A1AQR C . 1.40 -4.66 -1.77
C08 A1AQR C . 0.01 -4.33 -2.13
C09 A1AQR C . -1.00 -5.17 -2.26
C10 A1AQR C . -0.85 -6.64 -2.03
C11 A1AQR C . -2.38 -4.71 -2.63
C13 A1AQR C . 5.65 -5.07 -4.52
C15 A1AQR C . 7.49 -4.56 -5.80
C17 A1AQR C . 7.95 -5.88 -5.78
C18 A1AQR C . 9.19 -6.32 -6.46
C20 A1AQR C . 10.27 -7.89 -7.70
C21 A1AQR C . 11.43 -7.13 -7.68
C22 A1AQR C . 11.38 -5.95 -7.00
C24 A1AQR C . 7.18 -6.81 -5.09
C25 A1AQR C . 6.02 -6.41 -4.45
N12 A1AQR C . 4.51 -4.53 -3.92
N14 A1AQR C . 6.38 -4.15 -5.19
N19 A1AQR C . 9.15 -7.50 -7.10
N23 A1AQR C . 10.27 -5.52 -6.37
O01 A1AQR C . 3.94 -6.09 -2.39
BR16 A1AQR C . 8.45 -3.21 -6.72
C02 A1AQR D . -2.35 3.94 4.96
C03 A1AQR D . -1.99 3.35 3.64
C04 A1AQR D . -0.76 2.46 3.45
C05 A1AQR D . 0.11 2.18 4.64
C06 A1AQR D . -0.88 1.29 2.49
C07 A1AQR D . -0.78 3.85 2.85
C08 A1AQR D . -0.84 4.09 1.41
C09 A1AQR D . -0.28 5.07 0.74
C10 A1AQR D . 0.55 6.14 1.41
C11 A1AQR D . -0.42 5.22 -0.75
C13 A1AQR D . -4.31 4.03 6.52
C15 A1AQR D . -6.19 3.62 7.78
C17 A1AQR D . -5.84 4.59 8.73
C18 A1AQR D . -6.67 4.89 9.92
C20 A1AQR D . -7.54 6.43 11.35
C21 A1AQR D . -8.13 5.44 12.09
C22 A1AQR D . -7.92 4.16 11.67
C24 A1AQR D . -4.65 5.29 8.52
C25 A1AQR D . -3.88 5.01 7.42
N12 A1AQR D . -3.61 3.66 5.37
N14 A1AQR D . -5.45 3.35 6.70
N19 A1AQR D . -6.81 6.18 10.26
N23 A1AQR D . -7.19 3.86 10.59
O01 A1AQR D . -1.59 4.65 5.61
BR16 A1AQR D . -7.78 2.61 7.96
#